data_2H89
#
_entry.id   2H89
#
_cell.length_a   70.520
_cell.length_b   84.118
_cell.length_c   292.212
_cell.angle_alpha   90.00
_cell.angle_beta   90.00
_cell.angle_gamma   90.00
#
_symmetry.space_group_name_H-M   'P 21 21 21'
#
loop_
_entity.id
_entity.type
_entity.pdbx_description
1 polymer 'SUCCINATE DEHYDROGENASE FLAVOPROTEIN SUBUNIT'
2 polymer 'Succinate dehydrogenase Ip subunit'
3 polymer 'SUCCINATE DEHYDROGENASE CYTOCHROME B, LARGE SUBUNIT'
4 polymer 'SUCCINATE DEHYDROGENASE CYTOCHROME B, SMALL SUBUNIT'
5 non-polymer 'POTASSIUM ION'
6 non-polymer 'FLAVIN-ADENINE DINUCLEOTIDE'
7 non-polymer 'MALONATE ION'
8 non-polymer 'UNKNOWN LIGAND'
9 non-polymer 'FE2/S2 (INORGANIC) CLUSTER'
10 non-polymer 'IRON/SULFUR CLUSTER'
11 non-polymer 'FE3-S4 CLUSTER'
12 non-polymer 'hexyl beta-D-galactopyranoside'
13 non-polymer 'PROTOPORPHYRIN IX CONTAINING FE'
14 non-polymer 1,2-dioleoyl-sn-glycero-3-phosphoethanolamine
15 water water
#
loop_
_entity_poly.entity_id
_entity_poly.type
_entity_poly.pdbx_seq_one_letter_code
_entity_poly.pdbx_strand_id
1 'polypeptide(L)'
;STKVSDSISTQYPVVDHEFDAVVVGAGGAGLRAAFGLSEAGFNTACVTKLFPTRSHTVAAQGGINAALGNMEDDNWRWHF
YDTVKGSDWLGDQDAIHYMTEQAPAAVIELENYGMPFSRTEEGKIYQRAFGGQSLQFGKGGQAHRCCCVADRTGHSLLHT
LYGRSLRYDTSYFVEYFALDLLMENGECRGVIALCIEDGTIHRFRAKNTVIATGGYGRTYFSCTSAHTSTGDGTAMVTRA
GLPCQDLEFVQFHPTGIYGAGCLITEGCRGEGGILINSQGERFMERYAPVAKDLASRDVVSRSMTIEIREGRGCGPEKDH
VYLQLHHLPPQQLATRLPGISETAMIFAGVDVTKEPIPVLPTVHYNMGGIPTNYKGQVITHVNGEDKVVPGLYACGEAAS
ASVHGANRLGANSLLDLVVFGRACALTIAETCKPGEPVPSIKPNAGEESVANLDKLRFADGTIRTSEARLNMQKTMQSHA
AVFRTGSILQEGCEKLSQIYRDLAHLKTFDRGIVWNTDLVETLELQNLMLCALQTIYGAEARKESRGAHAREDYKLRIDE
FDYSKPLQGQQKRPFEEHWRKHTLSYVDVKSGKVTLKYRPVIDRTLNEEDCSSVPPAIRSY
;
A
2 'polypeptide(L)'
;AQTAAAATSRIKKFSIYRWDPDKPGDKPRMQTYEVDLNKCGPMVLDALIKIKNELDSTLTFRRSCREGICGSCAMNIAGG
NTLACTKKIDPDLSKTTKIYPLPHMYVVKDLVPDLSNFYAQYKSIEPYLKKKDESKQGKEQYLQSIEDRQKLDGLYECIL
CACCSTSCPSYWWNGDKYLGPAVLMQAYRWMIDSRDDYTEERLAQLQDPFSLYRCHTIMNCTRTCPKGLNPGKAIAEIKK
MMATYKEKAAAA
;
B
3 'polypeptide(L)'
;MATTAKEEMARFWEKNTKSSRPLSPHISIYKWSLPMAMSITHRGTGVALSLGVSLFSLAALLLPEQFPHYVAVVKSLSLS
PALIYSAKFALVFPLSYHTWNGIRHLVWDMGKGFKLSQVEQSGVVVLILTLLSSAAIASE
;
C
4 'polypeptide(L)'
;GSSKAASLHWTSERAVSALLLGLLPAAYLYPGPAVDYSLAAALTLHGHWGLGQVITDYVHGDTPIKVANTGLYVLSAITF
TGLCYFNYYDVGICKAVAMLWSI
;
D
#
loop_
_chem_comp.id
_chem_comp.type
_chem_comp.name
_chem_comp.formula
BHG D-saccharide 'hexyl beta-D-galactopyranoside' 'C12 H24 O6'
F3S non-polymer 'FE3-S4 CLUSTER' 'Fe3 S4'
FAD non-polymer 'FLAVIN-ADENINE DINUCLEOTIDE' 'C27 H33 N9 O15 P2'
FES non-polymer 'FE2/S2 (INORGANIC) CLUSTER' 'Fe2 S2'
HEM non-polymer 'PROTOPORPHYRIN IX CONTAINING FE' 'C34 H32 Fe N4 O4'
K non-polymer 'POTASSIUM ION' 'K 1'
MLI non-polymer 'MALONATE ION' 'C3 H2 O4 -2'
PEE non-polymer 1,2-dioleoyl-sn-glycero-3-phosphoethanolamine 'C41 H78 N O8 P'
SF4 non-polymer 'IRON/SULFUR CLUSTER' 'Fe4 S4'
UNL non-polymer 'UNKNOWN LIGAND' ?
#
# COMPACT_ATOMS: atom_id res chain seq x y z
CA SER A 9 -22.30 -23.09 -23.54
N THR A 10 -21.58 -25.05 -20.78
CA THR A 10 -20.62 -24.35 -19.94
C THR A 10 -19.23 -24.35 -20.57
N GLN A 11 -18.81 -23.19 -21.04
CA GLN A 11 -17.51 -23.04 -21.69
C GLN A 11 -16.50 -22.57 -20.63
N TYR A 12 -17.01 -22.32 -19.43
CA TYR A 12 -16.21 -21.90 -18.29
C TYR A 12 -16.44 -22.91 -17.18
N PRO A 13 -15.37 -23.24 -16.43
CA PRO A 13 -15.48 -24.19 -15.32
C PRO A 13 -15.99 -23.50 -14.05
N VAL A 14 -16.91 -24.14 -13.34
CA VAL A 14 -17.47 -23.57 -12.13
C VAL A 14 -17.16 -24.36 -10.85
N VAL A 15 -16.64 -23.67 -9.84
CA VAL A 15 -16.32 -24.30 -8.56
C VAL A 15 -17.22 -23.69 -7.50
N ASP A 16 -17.97 -24.55 -6.81
CA ASP A 16 -18.88 -24.11 -5.76
C ASP A 16 -18.24 -24.20 -4.39
N HIS A 17 -18.32 -23.12 -3.61
CA HIS A 17 -17.75 -23.07 -2.26
C HIS A 17 -18.85 -22.99 -1.22
N GLU A 18 -18.65 -23.66 -0.09
CA GLU A 18 -19.64 -23.67 0.96
C GLU A 18 -19.11 -23.04 2.25
N PHE A 19 -19.67 -21.90 2.64
CA PHE A 19 -19.25 -21.22 3.87
C PHE A 19 -20.44 -20.78 4.71
N ASP A 20 -20.17 -20.55 6.00
CA ASP A 20 -21.21 -20.07 6.90
C ASP A 20 -21.59 -18.69 6.41
N ALA A 21 -20.57 -17.87 6.12
CA ALA A 21 -20.77 -16.50 5.62
C ALA A 21 -19.68 -16.07 4.62
N VAL A 22 -20.04 -15.12 3.75
CA VAL A 22 -19.14 -14.59 2.73
C VAL A 22 -18.96 -13.09 2.84
N VAL A 23 -17.72 -12.62 2.85
CA VAL A 23 -17.42 -11.18 2.93
C VAL A 23 -16.89 -10.70 1.61
N VAL A 24 -17.45 -9.61 1.10
CA VAL A 24 -16.97 -9.07 -0.18
C VAL A 24 -16.33 -7.71 0.00
N GLY A 25 -15.01 -7.69 -0.12
CA GLY A 25 -14.25 -6.45 0.02
C GLY A 25 -13.29 -6.55 1.19
N ALA A 26 -12.06 -6.08 1.02
CA ALA A 26 -11.07 -6.14 2.11
C ALA A 26 -10.44 -4.80 2.43
N GLY A 27 -11.29 -3.80 2.55
CA GLY A 27 -10.78 -2.50 2.95
C GLY A 27 -11.06 -2.45 4.46
N GLY A 28 -11.29 -1.26 4.98
CA GLY A 28 -11.57 -1.14 6.41
C GLY A 28 -12.73 -1.99 6.84
N ALA A 29 -13.90 -1.70 6.27
CA ALA A 29 -15.11 -2.43 6.59
C ALA A 29 -14.95 -3.93 6.41
N GLY A 30 -14.49 -4.33 5.23
CA GLY A 30 -14.30 -5.75 4.93
C GLY A 30 -13.50 -6.60 5.90
N LEU A 31 -12.25 -6.20 6.11
CA LEU A 31 -11.40 -6.94 7.01
C LEU A 31 -12.04 -7.08 8.40
N ARG A 32 -12.57 -5.98 8.92
CA ARG A 32 -13.18 -6.02 10.25
C ARG A 32 -14.42 -6.92 10.41
N ALA A 33 -15.18 -7.11 9.34
CA ALA A 33 -16.37 -7.95 9.42
C ALA A 33 -15.94 -9.39 9.23
N ALA A 34 -14.96 -9.58 8.36
CA ALA A 34 -14.44 -10.90 8.06
C ALA A 34 -13.82 -11.55 9.29
N PHE A 35 -12.77 -10.97 9.88
CA PHE A 35 -12.23 -11.64 11.05
C PHE A 35 -13.11 -11.51 12.26
N GLY A 36 -14.10 -10.63 12.21
CA GLY A 36 -15.00 -10.54 13.33
C GLY A 36 -15.82 -11.82 13.34
N LEU A 37 -16.27 -12.24 12.15
CA LEU A 37 -17.05 -13.46 12.03
C LEU A 37 -16.20 -14.66 12.46
N SER A 38 -15.05 -14.86 11.83
CA SER A 38 -14.20 -15.99 12.20
C SER A 38 -13.88 -15.94 13.69
N GLU A 39 -13.81 -14.73 14.24
CA GLU A 39 -13.55 -14.56 15.66
C GLU A 39 -14.76 -15.10 16.43
N ALA A 40 -15.90 -15.17 15.76
CA ALA A 40 -17.14 -15.68 16.39
C ALA A 40 -17.43 -17.16 16.13
N GLY A 41 -16.54 -17.84 15.40
CA GLY A 41 -16.73 -19.25 15.14
C GLY A 41 -17.26 -19.64 13.78
N PHE A 42 -17.67 -18.68 12.96
CA PHE A 42 -18.19 -19.04 11.65
C PHE A 42 -17.07 -19.30 10.64
N ASN A 43 -17.38 -20.09 9.62
CA ASN A 43 -16.41 -20.41 8.58
C ASN A 43 -16.58 -19.31 7.54
N THR A 44 -15.79 -18.26 7.70
CA THR A 44 -15.85 -17.11 6.83
C THR A 44 -14.97 -17.22 5.61
N ALA A 45 -15.36 -16.51 4.56
CA ALA A 45 -14.63 -16.47 3.30
C ALA A 45 -14.59 -15.01 2.87
N CYS A 46 -13.40 -14.47 2.58
CA CYS A 46 -13.28 -13.08 2.16
C CYS A 46 -12.86 -13.03 0.70
N VAL A 47 -13.69 -12.38 -0.12
CA VAL A 47 -13.45 -12.25 -1.54
C VAL A 47 -13.16 -10.78 -1.82
N THR A 48 -12.02 -10.51 -2.44
CA THR A 48 -11.62 -9.16 -2.73
C THR A 48 -10.98 -9.15 -4.11
N LYS A 49 -11.01 -8.02 -4.79
CA LYS A 49 -10.43 -7.99 -6.13
C LYS A 49 -9.02 -7.44 -6.09
N LEU A 50 -8.63 -6.95 -4.91
CA LEU A 50 -7.30 -6.42 -4.72
C LEU A 50 -6.71 -7.11 -3.52
N PHE A 51 -5.39 -7.06 -3.40
CA PHE A 51 -4.74 -7.61 -2.24
C PHE A 51 -5.21 -6.60 -1.17
N PRO A 52 -5.69 -7.10 -0.03
CA PRO A 52 -6.18 -6.25 1.05
C PRO A 52 -5.53 -4.89 1.22
N THR A 53 -4.22 -4.85 1.43
CA THR A 53 -3.56 -3.59 1.66
C THR A 53 -3.58 -2.55 0.52
N ARG A 54 -4.13 -2.91 -0.66
CA ARG A 54 -4.16 -1.97 -1.78
C ARG A 54 -5.45 -1.15 -1.83
N SER A 55 -6.41 -1.50 -0.97
CA SER A 55 -7.71 -0.83 -0.89
C SER A 55 -7.63 0.68 -0.73
N HIS A 56 -8.64 1.39 -1.22
CA HIS A 56 -8.63 2.85 -1.11
C HIS A 56 -8.51 3.35 0.31
N THR A 57 -8.88 2.53 1.28
CA THR A 57 -8.81 2.93 2.70
C THR A 57 -7.38 3.36 3.09
N VAL A 58 -6.40 2.64 2.57
CA VAL A 58 -4.97 2.90 2.79
C VAL A 58 -4.51 4.30 2.38
N ALA A 59 -5.35 5.02 1.66
CA ALA A 59 -4.99 6.34 1.19
C ALA A 59 -5.50 7.41 2.12
N ALA A 60 -6.37 7.04 3.06
CA ALA A 60 -6.93 8.02 4.00
C ALA A 60 -5.86 8.72 4.86
N GLN A 61 -6.04 10.02 5.10
CA GLN A 61 -5.06 10.79 5.84
C GLN A 61 -5.45 11.39 7.19
N GLY A 62 -6.40 12.33 7.15
CA GLY A 62 -6.88 13.05 8.32
C GLY A 62 -7.06 12.38 9.67
N GLY A 63 -8.00 11.44 9.77
CA GLY A 63 -8.19 10.76 11.04
C GLY A 63 -9.49 10.00 11.20
N ILE A 64 -9.77 9.66 12.44
CA ILE A 64 -10.99 8.95 12.77
C ILE A 64 -11.45 9.54 14.10
N ASN A 65 -12.66 10.10 14.10
CA ASN A 65 -13.25 10.75 15.27
C ASN A 65 -13.69 9.82 16.39
N ALA A 66 -13.49 10.28 17.62
CA ALA A 66 -13.85 9.55 18.83
C ALA A 66 -13.76 10.54 19.98
N ALA A 67 -14.72 10.47 20.91
CA ALA A 67 -14.75 11.36 22.05
C ALA A 67 -13.87 10.84 23.21
N LEU A 68 -12.57 10.72 22.97
CA LEU A 68 -11.65 10.23 23.99
C LEU A 68 -11.32 11.21 25.11
N GLY A 69 -11.20 12.48 24.76
CA GLY A 69 -10.89 13.49 25.77
C GLY A 69 -9.41 13.62 26.12
N ASN A 70 -8.55 13.21 25.20
CA ASN A 70 -7.11 13.30 25.43
C ASN A 70 -6.59 14.72 25.22
N MET A 71 -7.44 15.59 24.71
CA MET A 71 -7.01 16.95 24.47
C MET A 71 -7.82 17.95 25.31
N GLU A 72 -8.99 17.50 25.78
CA GLU A 72 -9.86 18.32 26.61
C GLU A 72 -11.09 17.46 26.97
N ASP A 73 -11.92 17.92 27.91
CA ASP A 73 -13.11 17.16 28.29
C ASP A 73 -14.03 17.08 27.08
N ASP A 74 -14.58 15.89 26.82
CA ASP A 74 -15.47 15.70 25.68
C ASP A 74 -16.70 14.88 26.09
N ASN A 75 -17.65 14.74 25.18
CA ASN A 75 -18.87 13.97 25.41
C ASN A 75 -19.30 13.37 24.05
N TRP A 76 -19.40 12.04 23.98
CA TRP A 76 -19.77 11.39 22.73
C TRP A 76 -21.11 11.89 22.21
N ARG A 77 -21.90 12.50 23.06
CA ARG A 77 -23.18 13.02 22.62
C ARG A 77 -23.00 14.31 21.83
N TRP A 78 -21.95 15.07 22.14
CA TRP A 78 -21.69 16.29 21.40
C TRP A 78 -21.22 15.87 19.99
N HIS A 79 -20.51 14.73 19.92
CA HIS A 79 -20.03 14.19 18.66
C HIS A 79 -21.25 13.79 17.81
N PHE A 80 -22.22 13.17 18.48
CA PHE A 80 -23.46 12.75 17.87
C PHE A 80 -24.10 13.96 17.23
N TYR A 81 -24.29 15.00 18.03
CA TYR A 81 -24.90 16.26 17.60
C TYR A 81 -24.26 16.77 16.31
N ASP A 82 -22.93 16.85 16.32
CA ASP A 82 -22.20 17.34 15.17
C ASP A 82 -22.59 16.63 13.89
N THR A 83 -22.59 15.30 13.93
CA THR A 83 -22.92 14.49 12.77
C THR A 83 -24.38 14.67 12.29
N VAL A 84 -25.32 14.84 13.21
CA VAL A 84 -26.72 15.03 12.82
C VAL A 84 -26.88 16.37 12.11
N LYS A 85 -26.30 17.41 12.68
CA LYS A 85 -26.38 18.74 12.08
C LYS A 85 -25.62 18.66 10.78
N GLY A 86 -24.50 17.93 10.82
CA GLY A 86 -23.69 17.76 9.64
C GLY A 86 -24.52 17.21 8.50
N SER A 87 -25.28 16.15 8.75
CA SER A 87 -26.08 15.52 7.71
C SER A 87 -27.34 16.28 7.34
N ASP A 88 -27.34 17.60 7.50
CA ASP A 88 -28.51 18.41 7.16
C ASP A 88 -29.82 17.63 7.40
N TRP A 89 -29.87 16.95 8.54
CA TRP A 89 -31.04 16.14 8.95
C TRP A 89 -31.52 15.07 7.98
N LEU A 90 -30.60 14.46 7.25
CA LEU A 90 -30.97 13.39 6.31
C LEU A 90 -30.45 12.07 6.86
N GLY A 91 -29.64 12.18 7.91
CA GLY A 91 -29.06 10.99 8.50
C GLY A 91 -29.95 10.33 9.53
N ASP A 92 -29.99 9.01 9.52
CA ASP A 92 -30.80 8.28 10.49
C ASP A 92 -30.09 8.37 11.84
N GLN A 93 -30.66 9.15 12.75
CA GLN A 93 -30.06 9.36 14.05
C GLN A 93 -29.82 8.12 14.92
N ASP A 94 -30.58 7.05 14.70
CA ASP A 94 -30.34 5.84 15.49
C ASP A 94 -28.99 5.32 15.03
N ALA A 95 -28.78 5.31 13.72
CA ALA A 95 -27.51 4.87 13.17
C ALA A 95 -26.43 5.77 13.73
N ILE A 96 -26.69 7.07 13.72
CA ILE A 96 -25.74 8.06 14.20
C ILE A 96 -25.54 7.94 15.70
N HIS A 97 -26.52 7.34 16.40
CA HIS A 97 -26.39 7.18 17.83
C HIS A 97 -25.32 6.14 18.07
N TYR A 98 -25.54 4.98 17.48
CA TYR A 98 -24.63 3.86 17.61
C TYR A 98 -23.22 4.24 17.19
N MET A 99 -23.09 4.79 15.98
CA MET A 99 -21.76 5.15 15.51
C MET A 99 -20.97 5.96 16.53
N THR A 100 -21.51 7.08 17.00
CA THR A 100 -20.81 7.95 17.97
C THR A 100 -20.63 7.48 19.41
N GLU A 101 -21.42 6.52 19.87
CA GLU A 101 -21.29 6.04 21.24
C GLU A 101 -20.31 4.85 21.29
N GLN A 102 -20.11 4.21 20.14
CA GLN A 102 -19.21 3.08 20.07
C GLN A 102 -17.79 3.52 19.71
N ALA A 103 -17.67 4.75 19.20
CA ALA A 103 -16.40 5.30 18.75
C ALA A 103 -15.19 5.11 19.67
N PRO A 104 -15.23 5.64 20.91
CA PRO A 104 -14.11 5.50 21.85
C PRO A 104 -13.64 4.05 21.91
N ALA A 105 -14.60 3.15 22.05
CA ALA A 105 -14.31 1.75 22.08
C ALA A 105 -13.66 1.30 20.77
N ALA A 106 -14.22 1.70 19.63
CA ALA A 106 -13.68 1.33 18.31
C ALA A 106 -12.22 1.75 18.16
N VAL A 107 -11.92 2.99 18.49
CA VAL A 107 -10.56 3.51 18.39
C VAL A 107 -9.59 2.78 19.33
N ILE A 108 -9.96 2.66 20.59
CA ILE A 108 -9.09 1.99 21.55
C ILE A 108 -8.73 0.59 21.06
N GLU A 109 -9.68 -0.08 20.42
CA GLU A 109 -9.46 -1.43 19.87
C GLU A 109 -8.32 -1.38 18.85
N LEU A 110 -8.30 -0.33 18.05
CA LEU A 110 -7.29 -0.17 17.03
C LEU A 110 -5.93 0.02 17.65
N GLU A 111 -5.84 0.89 18.67
CA GLU A 111 -4.56 1.11 19.32
C GLU A 111 -4.13 -0.20 19.99
N ASN A 112 -5.05 -0.89 20.66
CA ASN A 112 -4.70 -2.17 21.29
C ASN A 112 -4.26 -3.25 20.30
N TYR A 113 -4.59 -3.06 19.03
CA TYR A 113 -4.20 -3.98 17.96
C TYR A 113 -2.75 -3.68 17.52
N GLY A 114 -2.41 -2.40 17.50
CA GLY A 114 -1.06 -2.00 17.10
C GLY A 114 -0.94 -0.64 16.43
N MET A 115 -2.07 -0.07 16.04
CA MET A 115 -2.07 1.22 15.38
C MET A 115 -1.15 2.28 16.00
N PRO A 116 -0.09 2.68 15.28
CA PRO A 116 0.87 3.69 15.75
C PRO A 116 0.40 5.12 15.89
N PHE A 117 -0.70 5.32 16.61
CA PHE A 117 -1.23 6.67 16.81
C PHE A 117 -0.18 7.63 17.34
N SER A 118 -0.19 8.87 16.83
CA SER A 118 0.73 9.87 17.31
C SER A 118 0.32 10.10 18.75
N ARG A 119 1.28 10.40 19.60
CA ARG A 119 1.06 10.57 21.03
C ARG A 119 1.04 11.99 21.59
N THR A 120 0.45 12.12 22.78
CA THR A 120 0.37 13.38 23.52
C THR A 120 1.50 13.35 24.54
N GLU A 121 1.55 14.38 25.38
CA GLU A 121 2.56 14.43 26.43
C GLU A 121 2.24 13.45 27.56
N GLU A 122 0.99 12.98 27.57
CA GLU A 122 0.54 12.04 28.59
C GLU A 122 0.69 10.57 28.18
N GLY A 123 1.18 10.34 26.96
CA GLY A 123 1.34 8.96 26.47
C GLY A 123 0.08 8.43 25.80
N LYS A 124 -0.86 9.34 25.55
CA LYS A 124 -2.14 9.00 24.94
C LYS A 124 -2.30 9.41 23.45
N ILE A 125 -3.45 9.04 22.87
CA ILE A 125 -3.75 9.31 21.47
C ILE A 125 -3.99 10.78 21.14
N TYR A 126 -3.14 11.34 20.29
CA TYR A 126 -3.23 12.73 19.84
C TYR A 126 -4.45 12.97 18.94
N GLN A 127 -5.17 14.07 19.20
CA GLN A 127 -6.35 14.47 18.42
C GLN A 127 -6.24 15.93 17.97
N ARG A 128 -6.67 16.20 16.73
CA ARG A 128 -6.61 17.52 16.13
C ARG A 128 -8.00 18.04 15.90
N ALA A 129 -8.07 19.26 15.35
CA ALA A 129 -9.34 19.89 15.00
C ALA A 129 -9.70 19.41 13.60
N PHE A 130 -10.98 19.50 13.24
CA PHE A 130 -11.45 19.09 11.92
C PHE A 130 -12.72 19.87 11.65
N GLY A 131 -13.29 19.72 10.45
CA GLY A 131 -14.48 20.47 10.11
C GLY A 131 -15.84 20.12 10.69
N GLY A 132 -16.58 21.14 11.09
CA GLY A 132 -17.90 20.94 11.67
C GLY A 132 -17.88 20.07 12.91
N GLN A 133 -17.03 20.41 13.87
CA GLN A 133 -16.92 19.65 15.12
C GLN A 133 -16.79 20.58 16.31
N SER A 134 -17.72 20.48 17.24
CA SER A 134 -17.73 21.34 18.41
C SER A 134 -17.89 20.64 19.75
N LEU A 135 -17.94 21.44 20.81
CA LEU A 135 -18.11 20.97 22.17
C LEU A 135 -19.43 21.58 22.63
N GLN A 136 -20.04 21.01 23.67
CA GLN A 136 -21.29 21.54 24.20
C GLN A 136 -22.38 21.76 23.14
N PHE A 137 -22.67 20.72 22.37
CA PHE A 137 -23.70 20.77 21.34
C PHE A 137 -23.70 22.03 20.49
N GLY A 138 -22.58 22.32 19.86
CA GLY A 138 -22.51 23.50 19.01
C GLY A 138 -22.42 24.86 19.68
N LYS A 139 -22.00 24.90 20.93
CA LYS A 139 -21.89 26.17 21.64
C LYS A 139 -20.50 26.34 22.30
N GLY A 140 -19.95 25.22 22.78
CA GLY A 140 -18.67 25.23 23.46
C GLY A 140 -17.39 25.41 22.67
N GLY A 141 -17.49 25.90 21.45
CA GLY A 141 -16.30 26.12 20.64
C GLY A 141 -15.73 24.91 19.94
N GLN A 142 -14.70 25.15 19.13
CA GLN A 142 -14.01 24.12 18.34
C GLN A 142 -13.64 22.90 19.16
N ALA A 143 -13.64 21.74 18.52
CA ALA A 143 -13.29 20.50 19.20
C ALA A 143 -12.01 19.92 18.62
N HIS A 144 -11.44 18.95 19.34
CA HIS A 144 -10.19 18.26 18.96
C HIS A 144 -10.35 16.78 19.29
N ARG A 145 -11.14 16.08 18.48
CA ARG A 145 -11.40 14.66 18.70
C ARG A 145 -11.12 13.81 17.48
N CYS A 146 -10.19 14.25 16.65
CA CYS A 146 -9.84 13.49 15.46
C CYS A 146 -8.55 12.74 15.73
N CYS A 147 -8.67 11.50 16.19
CA CYS A 147 -7.51 10.67 16.49
C CYS A 147 -6.78 10.36 15.20
N CYS A 148 -5.45 10.41 15.26
CA CYS A 148 -4.69 10.15 14.06
C CYS A 148 -3.24 9.65 14.19
N VAL A 149 -2.71 9.31 13.01
CA VAL A 149 -1.35 8.85 12.82
C VAL A 149 -0.79 9.83 11.79
N ALA A 150 -0.30 10.97 12.27
CA ALA A 150 0.21 11.99 11.38
C ALA A 150 -0.88 12.17 10.34
N ASP A 151 -0.51 12.24 9.07
CA ASP A 151 -1.51 12.39 8.02
C ASP A 151 -1.61 11.14 7.16
N ARG A 152 -1.27 9.98 7.74
CA ARG A 152 -1.31 8.68 7.05
C ARG A 152 -2.16 7.70 7.85
N THR A 153 -3.24 8.18 8.45
CA THR A 153 -4.08 7.34 9.28
C THR A 153 -4.72 6.15 8.54
N GLY A 154 -5.11 6.35 7.28
CA GLY A 154 -5.72 5.26 6.51
C GLY A 154 -4.70 4.15 6.32
N HIS A 155 -3.51 4.54 5.89
CA HIS A 155 -2.40 3.60 5.69
C HIS A 155 -2.25 2.68 6.89
N SER A 156 -2.03 3.28 8.06
CA SER A 156 -1.83 2.54 9.31
C SER A 156 -3.03 1.74 9.71
N LEU A 157 -4.21 2.35 9.65
CA LEU A 157 -5.44 1.68 10.03
C LEU A 157 -5.62 0.36 9.25
N LEU A 158 -5.36 0.39 7.93
CA LEU A 158 -5.52 -0.81 7.11
C LEU A 158 -4.41 -1.80 7.35
N HIS A 159 -3.20 -1.30 7.48
CA HIS A 159 -2.08 -2.20 7.71
C HIS A 159 -2.23 -2.92 9.02
N THR A 160 -2.76 -2.25 10.03
CA THR A 160 -2.98 -2.90 11.33
C THR A 160 -4.07 -3.97 11.19
N LEU A 161 -5.21 -3.58 10.65
CA LEU A 161 -6.31 -4.54 10.49
C LEU A 161 -5.90 -5.81 9.76
N TYR A 162 -5.21 -5.67 8.63
CA TYR A 162 -4.78 -6.84 7.88
C TYR A 162 -3.89 -7.67 8.75
N GLY A 163 -3.05 -7.00 9.53
CA GLY A 163 -2.16 -7.69 10.43
C GLY A 163 -2.95 -8.47 11.47
N ARG A 164 -4.02 -7.86 11.97
CA ARG A 164 -4.85 -8.52 12.97
C ARG A 164 -5.56 -9.77 12.41
N SER A 165 -6.04 -9.67 11.18
CA SER A 165 -6.74 -10.79 10.53
C SER A 165 -5.87 -12.01 10.30
N LEU A 166 -4.56 -11.83 10.22
CA LEU A 166 -3.72 -12.98 9.99
C LEU A 166 -3.74 -13.97 11.16
N ARG A 167 -4.50 -13.65 12.22
CA ARG A 167 -4.56 -14.52 13.39
C ARG A 167 -5.74 -15.52 13.45
N TYR A 168 -6.68 -15.42 12.51
CA TYR A 168 -7.85 -16.29 12.52
C TYR A 168 -7.96 -17.12 11.25
N ASP A 169 -8.82 -18.14 11.26
CA ASP A 169 -8.97 -19.06 10.12
C ASP A 169 -9.81 -18.56 8.96
N THR A 170 -9.87 -17.25 8.79
CA THR A 170 -10.63 -16.66 7.70
C THR A 170 -10.00 -17.07 6.37
N SER A 171 -10.78 -17.69 5.47
CA SER A 171 -10.25 -18.10 4.16
C SER A 171 -10.40 -16.96 3.16
N TYR A 172 -9.27 -16.48 2.64
CA TYR A 172 -9.26 -15.38 1.68
C TYR A 172 -9.09 -15.83 0.24
N PHE A 173 -9.73 -15.11 -0.68
CA PHE A 173 -9.64 -15.38 -2.11
C PHE A 173 -9.35 -14.02 -2.71
N VAL A 174 -8.07 -13.74 -2.88
CA VAL A 174 -7.58 -12.46 -3.39
C VAL A 174 -7.57 -12.29 -4.90
N GLU A 175 -7.87 -11.06 -5.32
CA GLU A 175 -7.92 -10.69 -6.72
C GLU A 175 -9.00 -11.46 -7.50
N TYR A 176 -10.12 -11.69 -6.80
CA TYR A 176 -11.31 -12.34 -7.31
C TYR A 176 -12.31 -11.23 -7.55
N PHE A 177 -12.98 -11.28 -8.71
CA PHE A 177 -13.95 -10.25 -9.05
C PHE A 177 -15.36 -10.76 -8.79
N ALA A 178 -16.14 -9.99 -8.03
CA ALA A 178 -17.50 -10.42 -7.72
C ALA A 178 -18.44 -9.97 -8.83
N LEU A 179 -19.25 -10.90 -9.33
CA LEU A 179 -20.19 -10.60 -10.43
C LEU A 179 -21.59 -10.18 -9.99
N ASP A 180 -22.25 -11.05 -9.23
CA ASP A 180 -23.59 -10.77 -8.76
C ASP A 180 -23.88 -11.56 -7.49
N LEU A 181 -25.05 -11.31 -6.92
CA LEU A 181 -25.50 -12.03 -5.74
C LEU A 181 -26.27 -13.27 -6.19
N LEU A 182 -26.26 -14.31 -5.35
CA LEU A 182 -27.02 -15.53 -5.65
C LEU A 182 -28.37 -15.36 -4.97
N MET A 183 -29.33 -14.80 -5.71
CA MET A 183 -30.67 -14.54 -5.19
C MET A 183 -31.70 -15.63 -5.36
N GLU A 184 -32.44 -15.91 -4.29
CA GLU A 184 -33.52 -16.88 -4.32
C GLU A 184 -34.65 -16.48 -3.36
N ASN A 185 -35.84 -16.30 -3.91
CA ASN A 185 -37.01 -15.92 -3.13
C ASN A 185 -36.70 -14.81 -2.13
N GLY A 186 -36.25 -13.69 -2.65
CA GLY A 186 -35.95 -12.55 -1.81
C GLY A 186 -34.79 -12.68 -0.84
N GLU A 187 -34.18 -13.86 -0.77
CA GLU A 187 -33.06 -14.06 0.15
C GLU A 187 -31.74 -14.19 -0.61
N CYS A 188 -30.62 -13.95 0.08
CA CYS A 188 -29.32 -14.06 -0.57
C CYS A 188 -28.65 -15.39 -0.22
N ARG A 189 -28.32 -16.13 -1.27
CA ARG A 189 -27.70 -17.45 -1.12
C ARG A 189 -26.17 -17.43 -1.25
N GLY A 190 -25.61 -16.25 -1.49
CA GLY A 190 -24.16 -16.16 -1.64
C GLY A 190 -23.76 -15.18 -2.73
N VAL A 191 -22.70 -15.50 -3.46
CA VAL A 191 -22.23 -14.62 -4.54
C VAL A 191 -21.45 -15.41 -5.57
N ILE A 192 -21.44 -14.92 -6.80
CA ILE A 192 -20.69 -15.55 -7.88
C ILE A 192 -19.56 -14.62 -8.30
N ALA A 193 -18.43 -15.19 -8.71
CA ALA A 193 -17.29 -14.39 -9.11
C ALA A 193 -16.31 -15.06 -10.03
N LEU A 194 -15.43 -14.24 -10.58
CA LEU A 194 -14.37 -14.65 -11.50
C LEU A 194 -12.99 -14.62 -10.84
N CYS A 195 -12.26 -15.74 -10.89
CA CYS A 195 -10.91 -15.81 -10.34
C CYS A 195 -10.00 -15.27 -11.42
N ILE A 196 -9.49 -14.05 -11.22
CA ILE A 196 -8.68 -13.42 -12.22
C ILE A 196 -7.31 -14.03 -12.51
N GLU A 197 -6.75 -14.77 -11.56
CA GLU A 197 -5.43 -15.39 -11.77
C GLU A 197 -5.46 -16.55 -12.75
N ASP A 198 -6.46 -17.41 -12.66
CA ASP A 198 -6.53 -18.54 -13.57
C ASP A 198 -7.82 -18.61 -14.39
N GLY A 199 -8.52 -17.47 -14.47
CA GLY A 199 -9.74 -17.40 -15.25
C GLY A 199 -10.89 -18.36 -15.02
N THR A 200 -11.13 -18.76 -13.78
CA THR A 200 -12.26 -19.65 -13.52
C THR A 200 -13.40 -18.94 -12.77
N ILE A 201 -14.56 -19.59 -12.73
CA ILE A 201 -15.76 -19.04 -12.10
C ILE A 201 -15.99 -19.66 -10.73
N HIS A 202 -16.52 -18.86 -9.80
CA HIS A 202 -16.75 -19.36 -8.45
C HIS A 202 -18.04 -18.90 -7.81
N ARG A 203 -18.76 -19.84 -7.20
CA ARG A 203 -20.01 -19.52 -6.53
C ARG A 203 -19.83 -19.91 -5.07
N PHE A 204 -20.11 -18.95 -4.19
CA PHE A 204 -19.98 -19.17 -2.76
C PHE A 204 -21.31 -19.30 -2.02
N ARG A 205 -21.71 -20.53 -1.76
CA ARG A 205 -22.96 -20.80 -1.03
C ARG A 205 -22.73 -20.48 0.44
N ALA A 206 -23.46 -19.51 0.96
CA ALA A 206 -23.31 -19.13 2.37
C ALA A 206 -24.66 -18.73 2.97
N LYS A 207 -24.74 -18.77 4.29
CA LYS A 207 -25.95 -18.41 5.00
C LYS A 207 -26.05 -16.90 5.15
N ASN A 208 -24.93 -16.22 4.96
CA ASN A 208 -24.87 -14.77 5.08
C ASN A 208 -23.82 -14.16 4.20
N THR A 209 -24.17 -13.05 3.56
CA THR A 209 -23.27 -12.35 2.66
C THR A 209 -23.13 -10.92 3.15
N VAL A 210 -21.90 -10.42 3.17
CA VAL A 210 -21.62 -9.06 3.61
C VAL A 210 -20.94 -8.37 2.46
N ILE A 211 -21.39 -7.16 2.13
CA ILE A 211 -20.81 -6.39 1.03
C ILE A 211 -20.23 -5.10 1.55
N ALA A 212 -18.96 -4.87 1.24
CA ALA A 212 -18.25 -3.67 1.65
C ALA A 212 -17.25 -3.42 0.57
N THR A 213 -17.74 -2.97 -0.58
CA THR A 213 -16.89 -2.74 -1.74
C THR A 213 -16.45 -1.32 -2.09
N GLY A 214 -16.70 -0.34 -1.24
CA GLY A 214 -16.30 1.03 -1.56
C GLY A 214 -17.31 1.88 -2.35
N GLY A 215 -16.89 3.09 -2.74
CA GLY A 215 -17.80 3.95 -3.48
C GLY A 215 -17.57 3.94 -4.99
N TYR A 216 -17.86 5.06 -5.65
CA TYR A 216 -17.67 5.13 -7.09
C TYR A 216 -17.36 6.52 -7.59
N GLY A 217 -16.35 7.16 -7.01
CA GLY A 217 -15.97 8.48 -7.48
C GLY A 217 -15.51 8.43 -8.94
N ARG A 218 -15.17 7.24 -9.41
CA ARG A 218 -14.72 7.06 -10.79
C ARG A 218 -15.86 7.13 -11.80
N THR A 219 -16.97 7.73 -11.38
CA THR A 219 -18.09 7.90 -12.29
C THR A 219 -17.84 9.29 -12.85
N TYR A 220 -17.02 10.05 -12.15
CA TYR A 220 -16.67 11.42 -12.55
C TYR A 220 -15.30 11.46 -13.20
N PHE A 221 -14.97 12.60 -13.79
CA PHE A 221 -13.70 12.77 -14.46
C PHE A 221 -12.57 13.23 -13.51
N SER A 222 -12.94 13.94 -12.45
CA SER A 222 -11.97 14.40 -11.47
C SER A 222 -12.38 13.93 -10.07
N CYS A 223 -11.68 12.93 -9.53
CA CYS A 223 -11.96 12.39 -8.20
C CYS A 223 -10.69 12.09 -7.42
N THR A 224 -10.81 11.93 -6.10
CA THR A 224 -9.63 11.63 -5.29
C THR A 224 -9.47 10.12 -5.22
N SER A 225 -10.60 9.44 -5.42
CA SER A 225 -10.69 7.99 -5.36
C SER A 225 -9.70 7.30 -6.30
N ALA A 226 -9.47 6.01 -6.06
CA ALA A 226 -8.55 5.22 -6.87
C ALA A 226 -9.25 4.71 -8.11
N HIS A 227 -8.47 4.29 -9.09
CA HIS A 227 -9.00 3.76 -10.33
C HIS A 227 -9.84 2.51 -10.05
N THR A 228 -9.75 1.98 -8.83
CA THR A 228 -10.51 0.79 -8.46
C THR A 228 -11.83 1.02 -7.71
N SER A 229 -12.19 2.28 -7.52
CA SER A 229 -13.46 2.62 -6.86
C SER A 229 -14.52 2.72 -7.97
N THR A 230 -15.00 1.56 -8.38
CA THR A 230 -15.96 1.49 -9.46
C THR A 230 -17.35 1.00 -9.05
N GLY A 231 -17.69 1.27 -7.80
CA GLY A 231 -18.98 0.88 -7.22
C GLY A 231 -19.50 -0.50 -7.57
N ASP A 232 -18.60 -1.45 -7.73
CA ASP A 232 -19.00 -2.80 -8.12
C ASP A 232 -20.08 -3.43 -7.24
N GLY A 233 -19.98 -3.21 -5.93
CA GLY A 233 -20.95 -3.77 -5.00
C GLY A 233 -22.31 -3.13 -5.14
N THR A 234 -22.31 -1.83 -5.46
CA THR A 234 -23.55 -1.08 -5.65
C THR A 234 -24.33 -1.66 -6.84
N ALA A 235 -23.63 -1.91 -7.94
CA ALA A 235 -24.26 -2.46 -9.14
C ALA A 235 -24.84 -3.85 -8.94
N MET A 236 -24.17 -4.69 -8.15
CA MET A 236 -24.65 -6.06 -7.89
C MET A 236 -26.05 -6.08 -7.24
N VAL A 237 -26.26 -5.20 -6.28
CA VAL A 237 -27.54 -5.10 -5.60
C VAL A 237 -28.59 -4.70 -6.64
N THR A 238 -28.28 -3.64 -7.40
CA THR A 238 -29.17 -3.14 -8.44
C THR A 238 -29.66 -4.26 -9.37
N ARG A 239 -28.72 -5.03 -9.89
CA ARG A 239 -29.06 -6.14 -10.78
C ARG A 239 -29.88 -7.17 -10.06
N ALA A 240 -29.97 -7.05 -8.73
CA ALA A 240 -30.76 -8.00 -7.96
C ALA A 240 -32.21 -7.54 -7.89
N GLY A 241 -32.45 -6.27 -8.24
CA GLY A 241 -33.79 -5.73 -8.18
C GLY A 241 -34.00 -5.03 -6.86
N LEU A 242 -32.89 -4.71 -6.21
CA LEU A 242 -32.89 -4.01 -4.92
C LEU A 242 -32.59 -2.52 -5.09
N PRO A 243 -33.17 -1.68 -4.22
CA PRO A 243 -32.91 -0.26 -4.36
C PRO A 243 -31.67 0.28 -3.66
N CYS A 244 -31.01 1.24 -4.30
CA CYS A 244 -29.84 1.88 -3.74
C CYS A 244 -30.40 3.17 -3.19
N GLN A 245 -29.73 3.77 -2.22
CA GLN A 245 -30.24 4.99 -1.61
C GLN A 245 -29.35 6.22 -1.67
N ASP A 246 -30.00 7.38 -1.75
CA ASP A 246 -29.41 8.72 -1.81
C ASP A 246 -28.19 8.90 -2.70
N LEU A 247 -28.06 8.10 -3.75
CA LEU A 247 -26.91 8.16 -4.64
C LEU A 247 -26.65 9.51 -5.28
N GLU A 248 -27.57 10.45 -5.11
CA GLU A 248 -27.39 11.78 -5.68
C GLU A 248 -26.55 12.68 -4.78
N PHE A 249 -26.33 12.25 -3.53
CA PHE A 249 -25.53 13.03 -2.58
C PHE A 249 -24.04 12.71 -2.66
N VAL A 250 -23.33 13.50 -3.46
CA VAL A 250 -21.91 13.35 -3.70
C VAL A 250 -21.12 14.43 -2.98
N GLN A 251 -20.15 14.01 -2.17
CA GLN A 251 -19.35 14.98 -1.45
C GLN A 251 -18.16 15.42 -2.20
N PHE A 252 -18.04 16.73 -2.35
CA PHE A 252 -16.89 17.30 -3.01
C PHE A 252 -15.97 17.75 -1.89
N HIS A 253 -14.78 17.14 -1.80
CA HIS A 253 -13.82 17.53 -0.78
C HIS A 253 -13.21 18.87 -1.21
N PRO A 254 -13.02 19.79 -0.27
CA PRO A 254 -12.46 21.10 -0.60
C PRO A 254 -11.06 21.09 -1.24
N THR A 255 -10.14 20.35 -0.64
CA THR A 255 -8.77 20.36 -1.10
C THR A 255 -8.14 19.16 -1.81
N GLY A 256 -8.37 19.10 -3.12
CA GLY A 256 -7.80 18.05 -3.93
C GLY A 256 -6.84 18.70 -4.93
N ILE A 257 -5.55 18.55 -4.71
CA ILE A 257 -4.52 19.16 -5.55
C ILE A 257 -4.87 19.26 -7.05
N TYR A 258 -4.46 20.37 -7.66
CA TYR A 258 -4.71 20.65 -9.07
C TYR A 258 -3.98 19.68 -10.01
N GLY A 259 -4.64 19.29 -11.09
CA GLY A 259 -4.02 18.39 -12.05
C GLY A 259 -4.18 16.91 -11.79
N ALA A 260 -3.64 16.43 -10.67
CA ALA A 260 -3.75 15.03 -10.34
C ALA A 260 -5.02 14.73 -9.52
N GLY A 261 -5.61 15.78 -8.94
CA GLY A 261 -6.82 15.61 -8.15
C GLY A 261 -6.56 15.00 -6.78
N CYS A 262 -5.33 14.53 -6.57
CA CYS A 262 -4.94 13.91 -5.31
C CYS A 262 -5.45 14.75 -4.16
N LEU A 263 -5.70 14.08 -3.04
CA LEU A 263 -6.24 14.74 -1.87
C LEU A 263 -5.23 15.41 -0.94
N ILE A 264 -5.66 16.51 -0.36
CA ILE A 264 -4.86 17.23 0.62
C ILE A 264 -5.76 17.29 1.85
N THR A 265 -5.47 16.43 2.82
CA THR A 265 -6.25 16.33 4.05
C THR A 265 -6.75 17.64 4.65
N GLU A 266 -7.90 17.54 5.30
CA GLU A 266 -8.55 18.66 5.97
C GLU A 266 -7.72 19.00 7.21
N GLY A 267 -6.86 18.06 7.59
CA GLY A 267 -6.01 18.25 8.75
C GLY A 267 -5.17 19.51 8.66
N CYS A 268 -4.89 19.95 7.43
CA CYS A 268 -4.09 21.15 7.19
C CYS A 268 -4.74 22.37 7.83
N ARG A 269 -6.01 22.60 7.53
CA ARG A 269 -6.75 23.73 8.10
C ARG A 269 -6.84 23.55 9.61
N GLY A 270 -6.88 22.30 10.05
CA GLY A 270 -6.98 21.99 11.47
C GLY A 270 -5.73 22.28 12.30
N GLU A 271 -4.62 22.49 11.61
CA GLU A 271 -3.36 22.78 12.29
C GLU A 271 -3.04 24.28 12.15
N GLY A 272 -3.86 24.99 11.36
CA GLY A 272 -3.64 26.41 11.16
C GLY A 272 -3.75 26.90 9.73
N GLY A 273 -3.60 25.99 8.77
CA GLY A 273 -3.68 26.35 7.35
C GLY A 273 -4.98 27.00 6.93
N ILE A 274 -4.87 28.00 6.06
CA ILE A 274 -6.05 28.73 5.59
C ILE A 274 -6.24 28.75 4.06
N LEU A 275 -7.34 29.40 3.66
CA LEU A 275 -7.71 29.55 2.25
C LEU A 275 -7.46 31.00 1.85
N ILE A 276 -7.01 31.20 0.61
CA ILE A 276 -6.71 32.53 0.09
C ILE A 276 -6.91 32.61 -1.42
N ASN A 277 -7.52 33.70 -1.88
CA ASN A 277 -7.78 33.90 -3.30
C ASN A 277 -6.70 34.72 -4.00
N SER A 278 -7.00 35.16 -5.23
CA SER A 278 -6.05 35.95 -6.03
C SER A 278 -5.59 37.22 -5.32
N GLN A 279 -6.54 37.95 -4.75
CA GLN A 279 -6.25 39.18 -4.05
C GLN A 279 -5.61 38.95 -2.68
N GLY A 280 -5.80 37.75 -2.11
CA GLY A 280 -5.21 37.44 -0.82
C GLY A 280 -6.15 37.39 0.37
N GLU A 281 -7.44 37.24 0.11
CA GLU A 281 -8.43 37.20 1.19
C GLU A 281 -8.65 35.82 1.77
N ARG A 282 -9.04 35.78 3.03
CA ARG A 282 -9.36 34.52 3.70
C ARG A 282 -10.89 34.50 3.62
N PHE A 283 -11.37 34.47 2.39
CA PHE A 283 -12.81 34.50 2.10
C PHE A 283 -13.73 33.71 3.02
N MET A 284 -13.26 32.60 3.56
CA MET A 284 -14.11 31.82 4.44
C MET A 284 -14.55 32.61 5.66
N GLU A 285 -13.80 33.65 6.02
CA GLU A 285 -14.19 34.45 7.18
C GLU A 285 -15.48 35.20 6.79
N ARG A 286 -15.62 35.43 5.49
CA ARG A 286 -16.76 36.13 4.94
C ARG A 286 -17.99 35.23 4.86
N TYR A 287 -17.82 34.03 4.29
CA TYR A 287 -18.92 33.09 4.17
C TYR A 287 -19.28 32.43 5.51
N ALA A 288 -18.26 32.09 6.29
CA ALA A 288 -18.47 31.47 7.60
C ALA A 288 -17.75 32.25 8.68
N PRO A 289 -18.36 33.35 9.13
CA PRO A 289 -17.79 34.22 10.16
C PRO A 289 -17.13 33.52 11.36
N VAL A 290 -17.66 32.38 11.79
CA VAL A 290 -17.10 31.68 12.93
C VAL A 290 -16.21 30.48 12.58
N ALA A 291 -16.78 29.49 11.91
CA ALA A 291 -16.07 28.27 11.53
C ALA A 291 -14.98 28.55 10.51
N LYS A 292 -15.11 29.67 9.82
CA LYS A 292 -14.14 30.08 8.83
C LYS A 292 -13.78 28.91 7.94
N ASP A 293 -12.53 28.47 8.03
CA ASP A 293 -12.06 27.36 7.23
C ASP A 293 -12.47 25.99 7.75
N LEU A 294 -12.98 25.90 8.98
CA LEU A 294 -13.41 24.61 9.52
C LEU A 294 -14.92 24.46 9.47
N ALA A 295 -15.52 25.05 8.44
CA ALA A 295 -16.95 24.96 8.23
C ALA A 295 -17.19 23.60 7.58
N SER A 296 -18.44 23.22 7.32
CA SER A 296 -18.70 21.93 6.69
C SER A 296 -18.22 21.94 5.24
N ARG A 297 -17.75 20.79 4.76
CA ARG A 297 -17.25 20.63 3.40
C ARG A 297 -18.23 21.12 2.32
N ASP A 298 -19.47 20.63 2.36
CA ASP A 298 -20.46 21.06 1.39
C ASP A 298 -20.47 22.59 1.36
N VAL A 299 -20.49 23.21 2.53
CA VAL A 299 -20.49 24.67 2.63
C VAL A 299 -19.23 25.29 2.04
N VAL A 300 -18.08 24.80 2.49
CA VAL A 300 -16.80 25.33 2.05
C VAL A 300 -16.61 25.23 0.53
N SER A 301 -16.81 24.04 -0.04
CA SER A 301 -16.66 23.85 -1.49
C SER A 301 -17.45 24.86 -2.31
N ARG A 302 -18.72 25.07 -1.97
CA ARG A 302 -19.54 26.06 -2.69
C ARG A 302 -18.87 27.42 -2.63
N SER A 303 -18.29 27.73 -1.47
CA SER A 303 -17.59 28.99 -1.25
C SER A 303 -16.42 29.16 -2.23
N MET A 304 -15.61 28.12 -2.36
CA MET A 304 -14.47 28.14 -3.28
C MET A 304 -15.03 28.32 -4.67
N THR A 305 -15.94 27.42 -5.04
CA THR A 305 -16.56 27.43 -6.35
C THR A 305 -16.97 28.85 -6.74
N ILE A 306 -17.65 29.53 -5.83
CA ILE A 306 -18.11 30.88 -6.08
C ILE A 306 -16.96 31.85 -6.39
N GLU A 307 -16.00 31.96 -5.48
CA GLU A 307 -14.88 32.85 -5.67
C GLU A 307 -14.20 32.70 -7.04
N ILE A 308 -14.22 31.49 -7.58
CA ILE A 308 -13.62 31.23 -8.88
C ILE A 308 -14.44 31.78 -10.04
N ARG A 309 -15.57 31.13 -10.34
CA ARG A 309 -16.43 31.57 -11.43
C ARG A 309 -16.83 33.05 -11.27
N GLU A 310 -16.54 33.61 -10.11
CA GLU A 310 -16.86 35.00 -9.85
C GLU A 310 -15.72 35.93 -10.24
N GLY A 311 -14.55 35.37 -10.54
CA GLY A 311 -13.44 36.20 -10.97
C GLY A 311 -12.16 36.21 -10.14
N ARG A 312 -12.21 35.75 -8.90
CA ARG A 312 -11.02 35.77 -8.05
C ARG A 312 -10.20 34.48 -8.01
N GLY A 313 -10.38 33.60 -9.00
CA GLY A 313 -9.64 32.35 -9.05
C GLY A 313 -8.15 32.59 -9.19
N CYS A 314 -7.33 31.65 -8.74
CA CYS A 314 -5.88 31.81 -8.82
C CYS A 314 -5.26 31.01 -9.95
N GLY A 315 -3.95 31.12 -10.08
CA GLY A 315 -3.23 30.42 -11.14
C GLY A 315 -3.20 31.18 -12.45
N PRO A 316 -2.60 30.61 -13.49
CA PRO A 316 -2.52 31.25 -14.81
C PRO A 316 -3.84 31.19 -15.56
N GLU A 317 -4.77 30.41 -15.02
CA GLU A 317 -6.08 30.24 -15.62
C GLU A 317 -7.18 30.79 -14.73
N LYS A 318 -6.81 31.19 -13.53
CA LYS A 318 -7.77 31.73 -12.57
C LYS A 318 -8.88 30.70 -12.39
N ASP A 319 -8.49 29.43 -12.18
CA ASP A 319 -9.45 28.34 -12.01
C ASP A 319 -9.38 27.58 -10.67
N HIS A 320 -8.38 27.90 -9.85
CA HIS A 320 -8.24 27.25 -8.55
C HIS A 320 -8.02 28.28 -7.43
N VAL A 321 -7.77 27.79 -6.22
CA VAL A 321 -7.53 28.67 -5.07
C VAL A 321 -6.28 28.23 -4.33
N TYR A 322 -5.91 28.97 -3.31
CA TYR A 322 -4.70 28.66 -2.56
C TYR A 322 -4.84 28.25 -1.12
N LEU A 323 -4.29 27.08 -0.79
CA LEU A 323 -4.29 26.57 0.58
C LEU A 323 -2.93 26.93 1.16
N GLN A 324 -2.92 27.84 2.12
CA GLN A 324 -1.69 28.31 2.74
C GLN A 324 -1.35 27.54 4.00
N LEU A 325 -0.08 27.18 4.14
CA LEU A 325 0.38 26.45 5.30
C LEU A 325 1.67 27.12 5.83
N HIS A 326 2.48 27.61 4.91
CA HIS A 326 3.77 28.21 5.25
C HIS A 326 3.86 29.17 6.43
N HIS A 327 2.72 29.64 6.93
CA HIS A 327 2.76 30.56 8.07
C HIS A 327 2.91 29.80 9.38
N LEU A 328 2.91 28.47 9.28
CA LEU A 328 3.03 27.61 10.45
C LEU A 328 4.45 27.09 10.65
N PRO A 329 4.81 26.73 11.90
CA PRO A 329 6.14 26.22 12.24
C PRO A 329 6.53 25.01 11.37
N PRO A 330 7.75 24.99 10.84
CA PRO A 330 8.20 23.88 9.99
C PRO A 330 8.18 22.52 10.70
N GLN A 331 8.43 22.55 12.01
CA GLN A 331 8.47 21.34 12.81
C GLN A 331 7.10 20.68 12.87
N GLN A 332 6.08 21.49 13.10
CA GLN A 332 4.70 21.00 13.19
C GLN A 332 4.25 20.44 11.84
N LEU A 333 4.71 21.05 10.75
CA LEU A 333 4.35 20.57 9.43
C LEU A 333 4.97 19.20 9.22
N ALA A 334 6.24 19.07 9.58
CA ALA A 334 6.95 17.81 9.43
C ALA A 334 6.46 16.71 10.38
N THR A 335 5.71 17.12 11.41
CA THR A 335 5.20 16.20 12.42
C THR A 335 3.71 15.90 12.32
N ARG A 336 2.97 16.81 11.72
CA ARG A 336 1.55 16.56 11.62
C ARG A 336 1.17 16.25 10.20
N LEU A 337 1.75 16.99 9.26
CA LEU A 337 1.43 16.83 7.84
C LEU A 337 2.62 16.41 6.98
N PRO A 338 3.36 15.38 7.41
CA PRO A 338 4.52 14.96 6.60
C PRO A 338 4.09 14.35 5.26
N GLY A 339 2.91 13.72 5.23
CA GLY A 339 2.43 13.09 4.02
C GLY A 339 2.15 14.02 2.85
N ILE A 340 1.29 15.00 3.10
CA ILE A 340 0.91 15.97 2.09
C ILE A 340 2.11 16.79 1.66
N SER A 341 3.07 16.95 2.56
CA SER A 341 4.30 17.70 2.27
C SER A 341 5.05 16.97 1.18
N GLU A 342 5.07 15.63 1.26
CA GLU A 342 5.76 14.81 0.26
C GLU A 342 4.94 14.69 -1.03
N THR A 343 3.63 14.89 -0.93
CA THR A 343 2.75 14.79 -2.09
C THR A 343 2.77 16.09 -2.90
N ALA A 344 2.66 17.21 -2.20
CA ALA A 344 2.66 18.53 -2.84
C ALA A 344 3.84 18.63 -3.81
N MET A 345 5.02 18.31 -3.29
CA MET A 345 6.23 18.36 -4.07
C MET A 345 6.16 17.51 -5.33
N ILE A 346 5.86 16.23 -5.17
CA ILE A 346 5.80 15.32 -6.32
C ILE A 346 4.69 15.62 -7.35
N PHE A 347 3.69 16.40 -6.99
CA PHE A 347 2.59 16.67 -7.92
C PHE A 347 2.30 18.12 -8.22
N ALA A 348 3.11 19.03 -7.69
CA ALA A 348 2.90 20.46 -7.94
C ALA A 348 4.19 21.23 -7.66
N GLY A 349 5.25 20.49 -7.35
CA GLY A 349 6.54 21.08 -7.05
C GLY A 349 6.48 22.07 -5.90
N VAL A 350 5.34 22.09 -5.20
CA VAL A 350 5.16 23.01 -4.10
C VAL A 350 5.88 22.56 -2.83
N ASP A 351 6.43 23.53 -2.11
CA ASP A 351 7.08 23.27 -0.83
C ASP A 351 6.21 23.97 0.21
N VAL A 352 5.46 23.18 0.96
CA VAL A 352 4.54 23.70 1.97
C VAL A 352 5.08 24.69 2.99
N THR A 353 6.38 24.92 3.02
CA THR A 353 6.95 25.88 3.98
C THR A 353 7.31 27.20 3.30
N LYS A 354 7.18 27.24 1.99
CA LYS A 354 7.55 28.40 1.21
C LYS A 354 6.46 28.94 0.28
N GLU A 355 5.65 28.04 -0.26
CA GLU A 355 4.58 28.44 -1.16
C GLU A 355 3.25 27.73 -0.89
N PRO A 356 2.14 28.29 -1.37
CA PRO A 356 0.79 27.75 -1.19
C PRO A 356 0.51 26.52 -2.06
N ILE A 357 -0.51 25.76 -1.69
CA ILE A 357 -0.90 24.57 -2.42
C ILE A 357 -2.12 24.87 -3.30
N PRO A 358 -2.02 24.57 -4.62
CA PRO A 358 -3.11 24.79 -5.57
C PRO A 358 -4.17 23.70 -5.40
N VAL A 359 -5.40 24.11 -5.12
CA VAL A 359 -6.49 23.16 -4.88
C VAL A 359 -7.87 23.64 -5.33
N LEU A 360 -8.82 22.72 -5.37
CA LEU A 360 -10.20 23.02 -5.74
C LEU A 360 -11.08 21.83 -5.34
N PRO A 361 -12.37 22.08 -5.06
CA PRO A 361 -13.27 20.99 -4.67
C PRO A 361 -13.21 19.81 -5.64
N THR A 362 -13.07 18.60 -5.09
CA THR A 362 -12.98 17.38 -5.88
C THR A 362 -13.88 16.21 -5.43
N VAL A 363 -14.53 15.55 -6.39
CA VAL A 363 -15.37 14.42 -6.07
C VAL A 363 -14.53 13.58 -5.11
N HIS A 364 -15.12 13.21 -3.97
CA HIS A 364 -14.35 12.48 -2.98
C HIS A 364 -15.02 11.29 -2.28
N TYR A 365 -16.21 11.52 -1.75
CA TYR A 365 -16.89 10.47 -1.02
C TYR A 365 -18.34 10.35 -1.48
N ASN A 366 -18.93 9.18 -1.33
CA ASN A 366 -20.32 8.98 -1.71
C ASN A 366 -21.15 8.79 -0.44
N MET A 367 -22.06 9.72 -0.14
CA MET A 367 -22.93 9.60 1.04
C MET A 367 -23.93 8.49 0.80
N GLY A 368 -24.40 8.42 -0.45
CA GLY A 368 -25.40 7.42 -0.81
C GLY A 368 -24.80 6.04 -0.87
N GLY A 369 -25.67 5.03 -0.94
CA GLY A 369 -25.20 3.66 -1.01
C GLY A 369 -26.30 2.66 -0.76
N ILE A 370 -25.94 1.39 -0.60
CA ILE A 370 -26.90 0.31 -0.35
C ILE A 370 -27.53 0.57 1.02
N PRO A 371 -28.87 0.62 1.09
CA PRO A 371 -29.55 0.87 2.38
C PRO A 371 -29.54 -0.27 3.39
N THR A 372 -29.20 0.04 4.63
CA THR A 372 -29.18 -0.95 5.71
C THR A 372 -29.75 -0.27 6.97
N ASN A 373 -29.92 -1.04 8.03
CA ASN A 373 -30.39 -0.50 9.32
C ASN A 373 -29.13 -0.29 10.16
N TYR A 374 -29.26 0.17 11.39
CA TYR A 374 -28.08 0.41 12.21
C TYR A 374 -27.31 -0.85 12.59
N LYS A 375 -27.85 -2.00 12.18
CA LYS A 375 -27.24 -3.29 12.45
C LYS A 375 -26.51 -3.85 11.23
N GLY A 376 -26.41 -3.04 10.19
CA GLY A 376 -25.74 -3.48 8.98
C GLY A 376 -26.53 -4.45 8.10
N GLN A 377 -27.79 -4.70 8.42
CA GLN A 377 -28.60 -5.62 7.59
C GLN A 377 -29.20 -4.84 6.41
N VAL A 378 -29.15 -5.41 5.21
CA VAL A 378 -29.70 -4.73 4.02
C VAL A 378 -31.24 -4.69 4.05
N ILE A 379 -31.80 -3.52 3.81
CA ILE A 379 -33.25 -3.38 3.83
C ILE A 379 -33.89 -3.02 2.49
N THR A 380 -35.17 -3.34 2.36
CA THR A 380 -35.94 -3.05 1.17
C THR A 380 -37.15 -2.28 1.68
N HIS A 381 -37.78 -1.49 0.81
CA HIS A 381 -38.94 -0.72 1.24
C HIS A 381 -40.17 -1.03 0.40
N VAL A 382 -41.16 -1.67 1.01
CA VAL A 382 -42.39 -2.06 0.31
C VAL A 382 -43.61 -1.47 1.02
N ASN A 383 -44.46 -0.76 0.29
CA ASN A 383 -45.66 -0.19 0.88
C ASN A 383 -45.42 0.55 2.20
N GLY A 384 -44.42 1.41 2.23
CA GLY A 384 -44.15 2.19 3.43
C GLY A 384 -43.54 1.55 4.66
N GLU A 385 -42.92 0.39 4.52
CA GLU A 385 -42.28 -0.23 5.67
C GLU A 385 -40.96 -0.90 5.25
N ASP A 386 -39.91 -0.69 6.05
CA ASP A 386 -38.62 -1.26 5.74
C ASP A 386 -38.68 -2.73 6.15
N LYS A 387 -37.99 -3.57 5.41
CA LYS A 387 -37.94 -5.00 5.70
C LYS A 387 -36.55 -5.52 5.38
N VAL A 388 -35.95 -6.24 6.33
CA VAL A 388 -34.62 -6.78 6.15
C VAL A 388 -34.53 -7.88 5.10
N VAL A 389 -33.45 -7.85 4.31
CA VAL A 389 -33.22 -8.84 3.27
C VAL A 389 -32.35 -9.91 3.86
N PRO A 390 -32.97 -11.04 4.24
CA PRO A 390 -32.39 -12.24 4.86
C PRO A 390 -31.11 -12.72 4.18
N GLY A 391 -30.00 -12.63 4.91
CA GLY A 391 -28.72 -13.07 4.39
C GLY A 391 -27.86 -12.03 3.71
N LEU A 392 -28.27 -10.76 3.77
CA LEU A 392 -27.48 -9.72 3.14
C LEU A 392 -27.14 -8.57 4.09
N TYR A 393 -25.86 -8.19 4.13
CA TYR A 393 -25.41 -7.10 4.99
C TYR A 393 -24.56 -6.13 4.18
N ALA A 394 -24.41 -4.92 4.70
CA ALA A 394 -23.63 -3.89 4.02
C ALA A 394 -23.04 -2.92 5.03
N CYS A 395 -21.82 -2.48 4.78
CA CYS A 395 -21.15 -1.53 5.65
C CYS A 395 -20.04 -0.84 4.83
N GLY A 396 -19.39 0.16 5.39
CA GLY A 396 -18.35 0.82 4.62
C GLY A 396 -18.97 1.87 3.72
N GLU A 397 -18.17 2.48 2.86
CA GLU A 397 -18.67 3.50 1.94
C GLU A 397 -19.72 2.96 0.97
N ALA A 398 -19.73 1.65 0.79
CA ALA A 398 -20.70 1.01 -0.11
C ALA A 398 -22.10 0.97 0.53
N ALA A 399 -22.17 1.30 1.83
CA ALA A 399 -23.45 1.27 2.51
C ALA A 399 -24.01 2.65 2.80
N SER A 400 -25.27 2.67 3.25
CA SER A 400 -26.00 3.88 3.64
C SER A 400 -26.89 3.53 4.84
N ALA A 401 -26.32 3.71 6.03
CA ALA A 401 -26.96 3.41 7.31
C ALA A 401 -28.09 4.34 7.76
N SER A 402 -28.00 5.64 7.47
CA SER A 402 -26.87 6.26 6.78
C SER A 402 -26.41 7.33 7.75
N VAL A 403 -25.30 7.06 8.41
CA VAL A 403 -24.78 7.99 9.38
C VAL A 403 -24.44 9.35 8.78
N HIS A 404 -24.05 9.38 7.52
CA HIS A 404 -23.64 10.65 6.91
C HIS A 404 -24.71 11.52 6.21
N GLY A 405 -25.86 10.94 5.87
CA GLY A 405 -26.92 11.72 5.23
C GLY A 405 -26.54 12.54 4.00
N ALA A 406 -26.74 13.86 4.06
CA ALA A 406 -26.44 14.71 2.91
C ALA A 406 -25.07 15.39 2.97
N ASN A 407 -24.32 15.14 4.05
CA ASN A 407 -22.99 15.74 4.16
C ASN A 407 -22.21 15.01 5.26
N ARG A 408 -21.11 14.37 4.89
CA ARG A 408 -20.29 13.62 5.84
C ARG A 408 -19.25 14.48 6.55
N LEU A 409 -19.12 14.31 7.86
CA LEU A 409 -18.12 15.06 8.64
C LEU A 409 -16.75 14.41 8.49
N GLY A 410 -15.73 15.23 8.25
CA GLY A 410 -14.40 14.70 8.10
C GLY A 410 -14.00 13.81 9.27
N ALA A 411 -13.44 12.64 8.95
CA ALA A 411 -12.97 11.72 9.96
C ALA A 411 -14.09 10.82 10.49
N ASN A 412 -15.22 10.82 9.80
CA ASN A 412 -16.36 9.98 10.21
C ASN A 412 -16.54 8.68 9.40
N SER A 413 -15.86 8.57 8.26
CA SER A 413 -15.97 7.38 7.43
C SER A 413 -15.11 6.28 8.01
N LEU A 414 -13.84 6.58 8.27
CA LEU A 414 -12.94 5.60 8.87
C LEU A 414 -13.54 5.05 10.12
N LEU A 415 -14.32 5.88 10.81
CA LEU A 415 -14.99 5.47 12.05
C LEU A 415 -16.11 4.52 11.69
N ASP A 416 -16.95 4.96 10.77
CA ASP A 416 -18.08 4.18 10.27
C ASP A 416 -17.57 2.79 9.88
N LEU A 417 -16.49 2.74 9.10
CA LEU A 417 -15.90 1.48 8.66
C LEU A 417 -15.78 0.42 9.75
N VAL A 418 -15.01 0.74 10.78
CA VAL A 418 -14.78 -0.16 11.90
C VAL A 418 -16.04 -0.40 12.73
N VAL A 419 -16.83 0.64 12.97
CA VAL A 419 -18.02 0.44 13.77
C VAL A 419 -19.03 -0.51 13.14
N PHE A 420 -19.43 -0.24 11.90
CA PHE A 420 -20.43 -1.11 11.26
C PHE A 420 -19.92 -2.46 10.75
N GLY A 421 -18.64 -2.50 10.40
CA GLY A 421 -18.04 -3.74 9.97
C GLY A 421 -18.17 -4.68 11.15
N ARG A 422 -17.91 -4.20 12.36
CA ARG A 422 -18.02 -5.06 13.52
C ARG A 422 -19.49 -5.36 13.75
N ALA A 423 -20.32 -4.34 13.58
CA ALA A 423 -21.74 -4.54 13.79
C ALA A 423 -22.27 -5.69 12.93
N CYS A 424 -21.83 -5.80 11.68
CA CYS A 424 -22.33 -6.91 10.85
C CYS A 424 -21.87 -8.20 11.51
N ALA A 425 -20.69 -8.14 12.11
CA ALA A 425 -20.16 -9.31 12.78
C ALA A 425 -21.02 -9.68 13.97
N LEU A 426 -21.43 -8.69 14.75
CA LEU A 426 -22.24 -8.96 15.94
C LEU A 426 -23.66 -9.41 15.63
N THR A 427 -24.31 -8.69 14.72
CA THR A 427 -25.68 -9.00 14.35
C THR A 427 -25.79 -10.45 13.90
N ILE A 428 -24.93 -10.85 12.98
CA ILE A 428 -24.96 -12.23 12.51
C ILE A 428 -24.73 -13.20 13.68
N ALA A 429 -23.70 -12.92 14.50
CA ALA A 429 -23.37 -13.75 15.64
C ALA A 429 -24.53 -13.94 16.60
N GLU A 430 -25.37 -12.92 16.74
CA GLU A 430 -26.51 -13.06 17.63
C GLU A 430 -27.70 -13.68 16.90
N THR A 431 -27.81 -13.41 15.61
CA THR A 431 -28.91 -13.95 14.80
C THR A 431 -28.76 -15.42 14.45
N CYS A 432 -27.69 -15.77 13.76
CA CYS A 432 -27.50 -17.16 13.38
C CYS A 432 -26.46 -17.91 14.22
N LYS A 433 -26.27 -19.19 13.89
CA LYS A 433 -25.34 -20.05 14.61
C LYS A 433 -24.34 -20.67 13.64
N PRO A 434 -23.06 -20.75 14.03
CA PRO A 434 -22.08 -21.34 13.11
C PRO A 434 -22.43 -22.79 12.81
N GLY A 435 -22.31 -23.20 11.56
CA GLY A 435 -22.60 -24.58 11.21
C GLY A 435 -23.95 -24.85 10.58
N GLU A 436 -24.92 -23.98 10.83
CA GLU A 436 -26.25 -24.15 10.27
C GLU A 436 -26.18 -24.55 8.80
N PRO A 437 -27.02 -25.50 8.39
CA PRO A 437 -27.03 -25.97 7.00
C PRO A 437 -27.09 -24.82 5.98
N VAL A 438 -26.16 -24.85 5.02
CA VAL A 438 -26.10 -23.83 3.99
C VAL A 438 -27.20 -24.04 2.96
N PRO A 439 -27.86 -22.95 2.54
CA PRO A 439 -28.95 -23.01 1.56
C PRO A 439 -28.55 -23.55 0.18
N SER A 440 -29.49 -24.25 -0.44
CA SER A 440 -29.29 -24.83 -1.76
C SER A 440 -29.49 -23.74 -2.84
N ILE A 441 -28.86 -23.92 -3.99
CA ILE A 441 -28.98 -22.96 -5.08
C ILE A 441 -29.18 -23.75 -6.37
N LYS A 442 -30.19 -23.40 -7.15
CA LYS A 442 -30.47 -24.11 -8.40
C LYS A 442 -29.20 -24.24 -9.25
N PRO A 443 -28.93 -25.46 -9.77
CA PRO A 443 -27.77 -25.78 -10.61
C PRO A 443 -27.31 -24.71 -11.61
N ASN A 444 -28.23 -23.91 -12.11
CA ASN A 444 -27.88 -22.90 -13.10
C ASN A 444 -27.70 -21.52 -12.49
N ALA A 445 -27.84 -21.44 -11.17
CA ALA A 445 -27.69 -20.17 -10.49
C ALA A 445 -26.48 -19.39 -10.99
N GLY A 446 -26.74 -18.26 -11.65
CA GLY A 446 -25.66 -17.40 -12.12
C GLY A 446 -25.17 -17.50 -13.55
N GLU A 447 -25.72 -18.41 -14.34
CA GLU A 447 -25.29 -18.57 -15.73
C GLU A 447 -25.36 -17.27 -16.53
N GLU A 448 -26.31 -16.41 -16.19
CA GLU A 448 -26.45 -15.17 -16.91
C GLU A 448 -25.24 -14.27 -16.69
N SER A 449 -24.68 -14.31 -15.49
CA SER A 449 -23.49 -13.51 -15.18
C SER A 449 -22.37 -13.97 -16.09
N VAL A 450 -22.19 -15.28 -16.15
CA VAL A 450 -21.16 -15.86 -17.00
C VAL A 450 -21.49 -15.34 -18.40
N ALA A 451 -22.75 -15.52 -18.78
CA ALA A 451 -23.24 -15.08 -20.08
C ALA A 451 -22.73 -13.69 -20.46
N ASN A 452 -23.02 -12.71 -19.60
CA ASN A 452 -22.61 -11.34 -19.82
C ASN A 452 -21.09 -11.29 -20.00
N LEU A 453 -20.40 -11.90 -19.04
CA LEU A 453 -18.94 -11.96 -19.06
C LEU A 453 -18.44 -12.35 -20.44
N ASP A 454 -18.90 -13.50 -20.94
CA ASP A 454 -18.48 -13.99 -22.24
C ASP A 454 -18.79 -13.01 -23.38
N LYS A 455 -19.96 -12.38 -23.31
CA LYS A 455 -20.36 -11.43 -24.32
C LYS A 455 -19.39 -10.24 -24.36
N LEU A 456 -19.01 -9.72 -23.20
CA LEU A 456 -18.09 -8.58 -23.13
C LEU A 456 -16.67 -8.95 -23.52
N ARG A 457 -16.31 -10.20 -23.22
CA ARG A 457 -14.99 -10.72 -23.54
C ARG A 457 -14.73 -10.69 -25.05
N PHE A 458 -15.74 -11.08 -25.83
CA PHE A 458 -15.61 -11.12 -27.29
C PHE A 458 -16.33 -9.97 -28.01
N ALA A 459 -16.51 -8.86 -27.29
CA ALA A 459 -17.16 -7.68 -27.84
C ALA A 459 -16.33 -7.05 -28.95
N ASP A 460 -16.98 -6.64 -30.03
CA ASP A 460 -16.27 -6.00 -31.14
C ASP A 460 -17.22 -5.00 -31.81
N GLY A 461 -17.34 -3.81 -31.23
CA GLY A 461 -18.22 -2.81 -31.79
C GLY A 461 -17.56 -1.59 -32.39
N THR A 462 -18.14 -0.42 -32.10
CA THR A 462 -17.66 0.86 -32.61
C THR A 462 -17.06 1.74 -31.51
N ILE A 463 -17.55 1.56 -30.29
CA ILE A 463 -17.10 2.35 -29.14
C ILE A 463 -16.39 1.52 -28.10
N ARG A 464 -15.08 1.70 -28.01
CA ARG A 464 -14.23 0.98 -27.06
C ARG A 464 -14.37 1.44 -25.62
N THR A 465 -14.20 0.49 -24.70
CA THR A 465 -14.30 0.74 -23.27
C THR A 465 -13.76 2.10 -22.85
N SER A 466 -12.51 2.37 -23.15
CA SER A 466 -11.91 3.63 -22.76
C SER A 466 -12.67 4.87 -23.24
N GLU A 467 -13.35 4.75 -24.37
CA GLU A 467 -14.09 5.87 -24.95
C GLU A 467 -15.45 6.12 -24.26
N ALA A 468 -16.18 5.03 -24.01
CA ALA A 468 -17.48 5.13 -23.36
C ALA A 468 -17.27 5.78 -22.00
N ARG A 469 -16.44 5.14 -21.18
CA ARG A 469 -16.13 5.63 -19.85
C ARG A 469 -15.83 7.12 -19.86
N LEU A 470 -14.96 7.55 -20.77
CA LEU A 470 -14.60 8.96 -20.85
C LEU A 470 -15.80 9.85 -21.16
N ASN A 471 -16.81 9.31 -21.87
CA ASN A 471 -18.02 10.07 -22.19
C ASN A 471 -18.88 10.23 -20.92
N MET A 472 -18.96 9.15 -20.14
CA MET A 472 -19.71 9.14 -18.91
C MET A 472 -19.09 10.13 -17.93
N GLN A 473 -17.78 10.00 -17.70
CA GLN A 473 -17.06 10.88 -16.76
C GLN A 473 -17.15 12.37 -17.08
N LYS A 474 -17.29 12.71 -18.34
CA LYS A 474 -17.38 14.12 -18.70
C LYS A 474 -18.78 14.69 -18.56
N THR A 475 -19.79 13.83 -18.59
CA THR A 475 -21.15 14.33 -18.46
C THR A 475 -21.45 14.58 -16.98
N MET A 476 -21.00 13.69 -16.12
CA MET A 476 -21.23 13.86 -14.69
C MET A 476 -20.56 15.16 -14.27
N GLN A 477 -19.32 15.32 -14.72
CA GLN A 477 -18.51 16.49 -14.41
C GLN A 477 -19.07 17.82 -14.91
N SER A 478 -20.03 17.76 -15.83
CA SER A 478 -20.62 18.98 -16.36
C SER A 478 -22.08 19.18 -15.93
N HIS A 479 -22.80 18.06 -15.81
CA HIS A 479 -24.23 18.10 -15.45
C HIS A 479 -24.60 17.67 -14.05
N ALA A 480 -23.65 17.71 -13.10
CA ALA A 480 -23.95 17.31 -11.72
C ALA A 480 -22.79 17.65 -10.78
N ALA A 481 -22.39 18.91 -10.77
CA ALA A 481 -21.27 19.33 -9.93
C ALA A 481 -21.73 19.97 -8.64
N VAL A 482 -20.86 20.76 -8.02
CA VAL A 482 -21.18 21.41 -6.76
C VAL A 482 -22.52 22.13 -6.88
N PHE A 483 -22.65 22.93 -7.95
CA PHE A 483 -23.90 23.65 -8.22
C PHE A 483 -24.63 22.96 -9.38
N ARG A 484 -25.92 22.69 -9.18
CA ARG A 484 -26.72 21.99 -10.18
C ARG A 484 -27.99 22.76 -10.58
N THR A 485 -28.55 22.41 -11.75
CA THR A 485 -29.78 23.05 -12.27
C THR A 485 -30.63 22.09 -13.12
N GLY A 486 -31.94 22.32 -13.10
CA GLY A 486 -32.92 21.50 -13.83
C GLY A 486 -32.69 21.20 -15.31
N SER A 487 -32.36 22.23 -16.09
CA SER A 487 -32.12 22.03 -17.52
C SER A 487 -30.84 21.21 -17.70
N ILE A 488 -29.76 21.70 -17.11
CA ILE A 488 -28.47 21.04 -17.19
C ILE A 488 -28.55 19.61 -16.64
N LEU A 489 -29.29 19.41 -15.56
CA LEU A 489 -29.42 18.06 -15.00
C LEU A 489 -30.22 17.18 -15.95
N GLN A 490 -31.23 17.76 -16.59
CA GLN A 490 -32.09 17.05 -17.53
C GLN A 490 -31.32 16.54 -18.74
N GLU A 491 -30.43 17.37 -19.28
CA GLU A 491 -29.62 16.99 -20.42
C GLU A 491 -28.69 15.83 -20.06
N GLY A 492 -28.03 15.97 -18.91
CA GLY A 492 -27.12 14.94 -18.43
C GLY A 492 -27.79 13.58 -18.38
N CYS A 493 -29.09 13.58 -18.13
CA CYS A 493 -29.84 12.34 -18.08
C CYS A 493 -29.93 11.78 -19.49
N GLU A 494 -30.32 12.64 -20.42
CA GLU A 494 -30.44 12.20 -21.81
C GLU A 494 -29.10 11.67 -22.29
N LYS A 495 -28.05 12.46 -22.10
CA LYS A 495 -26.72 12.07 -22.51
C LYS A 495 -26.34 10.69 -21.96
N LEU A 496 -26.48 10.50 -20.66
CA LEU A 496 -26.14 9.22 -20.05
C LEU A 496 -26.97 8.06 -20.57
N SER A 497 -28.29 8.23 -20.56
CA SER A 497 -29.18 7.19 -21.03
C SER A 497 -28.74 6.70 -22.42
N GLN A 498 -28.32 7.64 -23.26
CA GLN A 498 -27.86 7.32 -24.61
C GLN A 498 -26.57 6.47 -24.55
N ILE A 499 -25.63 6.91 -23.73
CA ILE A 499 -24.36 6.21 -23.56
C ILE A 499 -24.62 4.78 -23.06
N TYR A 500 -25.49 4.64 -22.05
CA TYR A 500 -25.81 3.33 -21.52
C TYR A 500 -26.35 2.46 -22.67
N ARG A 501 -27.07 3.11 -23.58
CA ARG A 501 -27.61 2.41 -24.73
C ARG A 501 -26.44 2.05 -25.64
N ASP A 502 -25.63 3.05 -26.01
CA ASP A 502 -24.49 2.81 -26.87
C ASP A 502 -23.54 1.69 -26.41
N LEU A 503 -23.73 1.21 -25.18
CA LEU A 503 -22.89 0.15 -24.64
C LEU A 503 -23.01 -1.13 -25.46
N ALA A 504 -24.04 -1.20 -26.29
CA ALA A 504 -24.25 -2.38 -27.12
C ALA A 504 -23.27 -2.37 -28.29
N HIS A 505 -22.64 -1.21 -28.53
CA HIS A 505 -21.66 -1.09 -29.61
C HIS A 505 -20.24 -1.21 -29.07
N LEU A 506 -20.11 -1.66 -27.83
CA LEU A 506 -18.81 -1.81 -27.17
C LEU A 506 -17.80 -2.71 -27.90
N LYS A 507 -16.54 -2.28 -27.91
CA LYS A 507 -15.48 -3.07 -28.52
C LYS A 507 -14.31 -3.31 -27.57
N THR A 508 -13.96 -4.58 -27.41
CA THR A 508 -12.86 -5.01 -26.56
C THR A 508 -11.82 -5.70 -27.46
N PHE A 509 -10.61 -5.95 -26.95
CA PHE A 509 -9.57 -6.59 -27.76
C PHE A 509 -8.97 -7.87 -27.20
N ASP A 510 -8.67 -7.87 -25.90
CA ASP A 510 -8.08 -9.05 -25.27
C ASP A 510 -9.09 -10.19 -25.26
N ARG A 511 -8.75 -11.31 -25.91
CA ARG A 511 -9.68 -12.43 -25.94
C ARG A 511 -9.34 -13.52 -24.93
N GLY A 512 -8.40 -13.23 -24.03
CA GLY A 512 -8.02 -14.20 -23.02
C GLY A 512 -8.86 -14.12 -21.76
N ILE A 513 -8.61 -15.01 -20.80
CA ILE A 513 -9.37 -15.01 -19.57
C ILE A 513 -8.50 -14.76 -18.33
N VAL A 514 -7.22 -15.14 -18.42
CA VAL A 514 -6.30 -14.93 -17.29
C VAL A 514 -5.80 -13.48 -17.26
N TRP A 515 -5.95 -12.85 -16.11
CA TRP A 515 -5.57 -11.45 -15.91
C TRP A 515 -5.88 -10.61 -17.14
N ASN A 516 -7.13 -10.69 -17.58
CA ASN A 516 -7.60 -9.92 -18.73
C ASN A 516 -8.21 -8.66 -18.15
N THR A 517 -7.38 -7.64 -17.91
CA THR A 517 -7.89 -6.40 -17.35
C THR A 517 -8.66 -5.58 -18.37
N ASP A 518 -8.67 -6.05 -19.61
CA ASP A 518 -9.43 -5.35 -20.63
C ASP A 518 -10.88 -5.69 -20.32
N LEU A 519 -11.12 -6.97 -20.07
CA LEU A 519 -12.45 -7.47 -19.73
C LEU A 519 -12.93 -6.85 -18.40
N VAL A 520 -12.20 -7.12 -17.32
CA VAL A 520 -12.53 -6.59 -15.98
C VAL A 520 -12.97 -5.13 -16.04
N GLU A 521 -12.21 -4.29 -16.73
CA GLU A 521 -12.58 -2.88 -16.84
C GLU A 521 -13.91 -2.68 -17.56
N THR A 522 -14.32 -3.66 -18.36
CA THR A 522 -15.59 -3.56 -19.06
C THR A 522 -16.69 -3.97 -18.07
N LEU A 523 -16.38 -4.91 -17.18
CA LEU A 523 -17.37 -5.29 -16.18
C LEU A 523 -17.59 -4.08 -15.26
N GLU A 524 -16.51 -3.35 -15.02
CA GLU A 524 -16.57 -2.19 -14.15
C GLU A 524 -17.32 -1.02 -14.78
N LEU A 525 -17.21 -0.88 -16.10
CA LEU A 525 -17.94 0.19 -16.78
C LEU A 525 -19.44 -0.01 -16.58
N GLN A 526 -19.92 -1.23 -16.81
CA GLN A 526 -21.34 -1.54 -16.64
C GLN A 526 -21.73 -1.12 -15.25
N ASN A 527 -20.83 -1.38 -14.32
CA ASN A 527 -21.01 -1.04 -12.93
C ASN A 527 -21.07 0.47 -12.69
N LEU A 528 -20.09 1.20 -13.20
CA LEU A 528 -20.07 2.65 -12.99
C LEU A 528 -21.27 3.33 -13.60
N MET A 529 -21.64 2.88 -14.80
CA MET A 529 -22.80 3.47 -15.50
C MET A 529 -24.08 3.33 -14.67
N LEU A 530 -24.34 2.14 -14.14
CA LEU A 530 -25.52 1.92 -13.31
C LEU A 530 -25.55 2.94 -12.19
N CYS A 531 -24.45 3.04 -11.43
CA CYS A 531 -24.36 4.00 -10.35
C CYS A 531 -24.62 5.41 -10.83
N ALA A 532 -23.97 5.80 -11.92
CA ALA A 532 -24.14 7.14 -12.46
C ALA A 532 -25.59 7.52 -12.83
N LEU A 533 -26.31 6.60 -13.47
CA LEU A 533 -27.69 6.85 -13.88
C LEU A 533 -28.53 7.26 -12.67
N GLN A 534 -28.50 6.40 -11.64
CA GLN A 534 -29.26 6.65 -10.43
C GLN A 534 -28.87 7.97 -9.76
N THR A 535 -27.62 8.36 -9.92
CA THR A 535 -27.13 9.60 -9.33
C THR A 535 -27.72 10.82 -9.98
N ILE A 536 -27.58 10.91 -11.30
CA ILE A 536 -28.07 12.08 -12.01
C ILE A 536 -29.59 12.17 -12.13
N TYR A 537 -30.27 11.02 -12.23
CA TYR A 537 -31.74 11.03 -12.30
C TYR A 537 -32.31 11.39 -10.94
N GLY A 538 -31.63 10.94 -9.88
CA GLY A 538 -32.08 11.26 -8.53
C GLY A 538 -31.89 12.75 -8.28
N ALA A 539 -30.81 13.30 -8.83
CA ALA A 539 -30.48 14.72 -8.67
C ALA A 539 -31.52 15.60 -9.35
N GLU A 540 -31.94 15.19 -10.55
CA GLU A 540 -32.93 15.94 -11.34
C GLU A 540 -34.26 15.96 -10.61
N ALA A 541 -34.64 14.82 -10.04
CA ALA A 541 -35.90 14.69 -9.30
C ALA A 541 -35.95 15.50 -8.00
N ARG A 542 -34.85 15.56 -7.26
CA ARG A 542 -34.82 16.29 -5.99
C ARG A 542 -34.69 17.81 -6.18
N LYS A 543 -35.82 18.50 -6.05
CA LYS A 543 -35.93 19.95 -6.21
C LYS A 543 -35.89 20.65 -4.84
N GLU A 544 -34.69 20.74 -4.28
CA GLU A 544 -34.47 21.39 -2.99
C GLU A 544 -32.97 21.46 -2.73
N SER A 545 -32.57 22.24 -1.74
CA SER A 545 -31.15 22.38 -1.41
C SER A 545 -30.84 21.78 -0.03
N ARG A 546 -30.10 20.67 -0.03
CA ARG A 546 -29.73 19.97 1.20
C ARG A 546 -28.36 19.32 1.08
N GLY A 547 -27.43 19.74 1.93
CA GLY A 547 -26.08 19.18 1.94
C GLY A 547 -25.28 19.44 0.69
N ALA A 548 -24.69 18.38 0.16
CA ALA A 548 -23.89 18.50 -1.06
C ALA A 548 -24.75 18.62 -2.32
N HIS A 549 -26.07 18.76 -2.16
CA HIS A 549 -26.96 18.91 -3.28
C HIS A 549 -27.58 20.30 -3.30
N ALA A 550 -27.01 21.18 -4.11
CA ALA A 550 -27.51 22.55 -4.24
C ALA A 550 -28.10 22.80 -5.62
N ARG A 551 -29.38 23.14 -5.66
CA ARG A 551 -30.08 23.44 -6.91
C ARG A 551 -30.28 24.94 -6.88
N GLU A 552 -29.64 25.67 -7.77
CA GLU A 552 -29.80 27.12 -7.80
C GLU A 552 -31.23 27.50 -8.20
N ASP A 553 -31.95 26.54 -8.77
CA ASP A 553 -33.33 26.76 -9.18
C ASP A 553 -34.34 26.37 -8.09
N TYR A 554 -33.81 25.97 -6.94
CA TYR A 554 -34.59 25.60 -5.76
C TYR A 554 -33.59 25.76 -4.61
N LYS A 555 -33.40 27.00 -4.20
CA LYS A 555 -32.44 27.36 -3.15
C LYS A 555 -32.81 27.19 -1.66
N LEU A 556 -33.91 26.49 -1.37
CA LEU A 556 -34.32 26.29 0.01
C LEU A 556 -34.37 24.82 0.37
N ARG A 557 -34.32 24.53 1.66
CA ARG A 557 -34.39 23.16 2.15
C ARG A 557 -35.85 22.88 2.51
N ILE A 558 -36.53 22.05 1.74
CA ILE A 558 -37.93 21.77 2.02
C ILE A 558 -38.19 20.58 2.97
N ASP A 559 -38.59 20.90 4.19
CA ASP A 559 -38.88 19.88 5.20
C ASP A 559 -40.39 19.78 5.34
N GLU A 560 -40.87 18.89 6.20
CA GLU A 560 -42.32 18.75 6.39
C GLU A 560 -42.93 19.92 7.15
N PHE A 561 -42.07 20.73 7.76
CA PHE A 561 -42.46 21.91 8.52
C PHE A 561 -41.47 22.97 8.11
N ASP A 562 -41.80 24.22 8.36
CA ASP A 562 -40.85 25.27 8.05
C ASP A 562 -40.17 25.57 9.37
N TYR A 563 -38.98 25.03 9.58
CA TYR A 563 -38.31 25.26 10.84
C TYR A 563 -37.57 26.57 10.92
N SER A 564 -38.07 27.58 10.21
CA SER A 564 -37.46 28.89 10.28
C SER A 564 -38.32 29.75 11.21
N LYS A 565 -39.50 29.22 11.56
CA LYS A 565 -40.46 29.90 12.43
C LYS A 565 -41.07 28.94 13.48
N PRO A 566 -41.67 29.49 14.55
CA PRO A 566 -42.27 28.65 15.58
C PRO A 566 -43.26 27.64 14.99
N LEU A 567 -43.14 26.39 15.42
CA LEU A 567 -44.00 25.31 14.93
C LEU A 567 -45.46 25.42 15.31
N GLN A 568 -45.75 26.18 16.37
CA GLN A 568 -47.12 26.36 16.83
C GLN A 568 -48.06 26.78 15.71
N GLY A 569 -49.14 26.02 15.54
CA GLY A 569 -50.12 26.33 14.52
C GLY A 569 -49.59 26.22 13.12
N GLN A 570 -48.75 25.22 12.87
CA GLN A 570 -48.21 25.02 11.54
C GLN A 570 -48.75 23.76 10.92
N GLN A 571 -49.01 23.81 9.62
CA GLN A 571 -49.52 22.67 8.89
C GLN A 571 -48.33 21.83 8.38
N LYS A 572 -48.20 20.63 8.93
CA LYS A 572 -47.14 19.70 8.55
C LYS A 572 -47.39 19.31 7.10
N ARG A 573 -46.40 19.52 6.24
CA ARG A 573 -46.54 19.19 4.83
C ARG A 573 -46.66 17.68 4.64
N PRO A 574 -47.27 17.27 3.51
CA PRO A 574 -47.46 15.85 3.19
C PRO A 574 -46.12 15.23 2.83
N PHE A 575 -46.00 13.91 3.00
CA PHE A 575 -44.76 13.25 2.69
C PHE A 575 -44.39 13.65 1.28
N GLU A 576 -45.37 13.53 0.40
CA GLU A 576 -45.24 13.82 -1.02
C GLU A 576 -44.88 15.26 -1.39
N GLU A 577 -45.05 16.18 -0.45
CA GLU A 577 -44.76 17.57 -0.77
C GLU A 577 -43.50 18.19 -0.22
N HIS A 578 -42.72 17.44 0.55
CA HIS A 578 -41.47 17.97 1.07
C HIS A 578 -40.38 16.95 0.77
N TRP A 579 -39.12 17.37 0.85
CA TRP A 579 -38.01 16.50 0.53
C TRP A 579 -37.17 15.89 1.64
N ARG A 580 -37.59 16.01 2.90
CA ARG A 580 -36.80 15.44 3.98
C ARG A 580 -37.08 13.95 4.03
N LYS A 581 -36.43 13.24 3.11
CA LYS A 581 -36.58 11.80 2.96
C LYS A 581 -35.50 11.24 2.04
N HIS A 582 -35.15 9.98 2.26
CA HIS A 582 -34.15 9.32 1.44
C HIS A 582 -34.71 9.03 0.04
N THR A 583 -33.81 8.99 -0.96
CA THR A 583 -34.20 8.69 -2.32
C THR A 583 -33.99 7.19 -2.46
N LEU A 584 -34.82 6.55 -3.28
CA LEU A 584 -34.71 5.13 -3.52
C LEU A 584 -34.70 4.87 -5.03
N SER A 585 -33.55 4.48 -5.55
CA SER A 585 -33.38 4.23 -6.96
C SER A 585 -33.42 2.76 -7.36
N TYR A 586 -34.05 2.49 -8.50
CA TYR A 586 -34.15 1.15 -9.06
C TYR A 586 -33.79 1.26 -10.53
N VAL A 587 -33.17 0.23 -11.10
CA VAL A 587 -32.83 0.30 -12.52
C VAL A 587 -33.22 -0.91 -13.35
N ASP A 588 -33.83 -0.63 -14.50
CA ASP A 588 -34.25 -1.65 -15.46
C ASP A 588 -32.98 -2.01 -16.22
N VAL A 589 -32.24 -2.99 -15.73
CA VAL A 589 -30.98 -3.40 -16.35
C VAL A 589 -30.95 -3.43 -17.87
N LYS A 590 -31.77 -4.29 -18.47
CA LYS A 590 -31.82 -4.44 -19.93
C LYS A 590 -32.05 -3.14 -20.69
N SER A 591 -32.92 -2.27 -20.19
CA SER A 591 -33.21 -1.00 -20.86
C SER A 591 -32.42 0.16 -20.30
N GLY A 592 -32.25 0.16 -18.97
CA GLY A 592 -31.53 1.22 -18.31
C GLY A 592 -32.47 2.36 -18.00
N LYS A 593 -33.64 2.05 -17.45
CA LYS A 593 -34.62 3.07 -17.08
C LYS A 593 -34.60 3.22 -15.58
N VAL A 594 -34.60 4.46 -15.11
CA VAL A 594 -34.58 4.74 -13.67
C VAL A 594 -35.95 4.83 -13.03
N THR A 595 -36.09 4.19 -11.87
CA THR A 595 -37.33 4.18 -11.12
C THR A 595 -37.00 4.63 -9.69
N LEU A 596 -37.67 5.67 -9.22
CA LEU A 596 -37.41 6.19 -7.88
C LEU A 596 -38.65 6.08 -6.98
N LYS A 597 -38.39 6.05 -5.68
CA LYS A 597 -39.40 6.00 -4.62
C LYS A 597 -38.74 6.69 -3.43
N TYR A 598 -39.48 6.93 -2.36
CA TYR A 598 -38.87 7.60 -1.21
C TYR A 598 -39.32 7.02 0.12
N ARG A 599 -38.40 6.98 1.08
CA ARG A 599 -38.72 6.48 2.41
C ARG A 599 -38.41 7.56 3.44
N PRO A 600 -39.06 7.49 4.62
CA PRO A 600 -38.85 8.46 5.70
C PRO A 600 -37.47 8.42 6.33
N VAL A 601 -37.09 9.52 6.97
CA VAL A 601 -35.82 9.63 7.65
C VAL A 601 -36.03 9.20 9.10
N ILE A 602 -35.20 8.27 9.61
CA ILE A 602 -35.34 7.82 11.01
C ILE A 602 -34.78 8.86 11.98
N ASP A 603 -35.63 9.46 12.80
CA ASP A 603 -35.17 10.46 13.76
C ASP A 603 -35.07 10.02 15.22
N ARG A 604 -35.62 8.86 15.55
CA ARG A 604 -35.53 8.40 16.91
C ARG A 604 -34.13 7.81 17.15
N THR A 605 -33.61 7.99 18.36
CA THR A 605 -32.31 7.47 18.72
C THR A 605 -32.49 6.09 19.34
N LEU A 606 -31.39 5.44 19.72
CA LEU A 606 -31.51 4.12 20.32
C LEU A 606 -32.09 4.24 21.71
N ASN A 607 -31.95 5.41 22.32
CA ASN A 607 -32.48 5.65 23.66
C ASN A 607 -32.58 7.15 23.92
N GLU A 608 -33.81 7.63 24.00
CA GLU A 608 -34.07 9.06 24.21
C GLU A 608 -33.55 9.65 25.51
N GLU A 609 -33.61 8.90 26.61
CA GLU A 609 -33.13 9.41 27.88
C GLU A 609 -31.62 9.65 27.83
N ASP A 610 -30.90 8.75 27.17
CA ASP A 610 -29.45 8.85 27.07
C ASP A 610 -28.96 9.84 26.01
N CYS A 611 -29.63 9.89 24.87
CA CYS A 611 -29.24 10.79 23.79
C CYS A 611 -30.45 11.44 23.15
N SER A 612 -30.61 12.75 23.36
CA SER A 612 -31.78 13.43 22.81
C SER A 612 -31.82 13.52 21.30
N SER A 613 -32.96 13.13 20.72
CA SER A 613 -33.14 13.22 19.28
C SER A 613 -33.06 14.70 18.98
N VAL A 614 -32.47 15.07 17.85
CA VAL A 614 -32.34 16.47 17.48
C VAL A 614 -33.14 16.84 16.26
N PRO A 615 -34.11 17.76 16.44
CA PRO A 615 -35.02 18.28 15.42
C PRO A 615 -34.36 19.22 14.42
N PRO A 616 -34.99 19.39 13.24
CA PRO A 616 -34.42 20.26 12.20
C PRO A 616 -34.17 21.65 12.77
N ALA A 617 -33.43 22.46 12.02
CA ALA A 617 -33.12 23.81 12.46
C ALA A 617 -32.23 24.42 11.40
N ILE A 618 -32.18 25.74 11.35
CA ILE A 618 -31.34 26.40 10.36
C ILE A 618 -29.92 25.83 10.40
N ARG A 619 -29.35 25.61 9.23
CA ARG A 619 -28.03 25.03 9.12
C ARG A 619 -26.99 26.04 8.68
N SER A 620 -26.29 26.63 9.66
CA SER A 620 -25.27 27.62 9.37
C SER A 620 -24.01 27.40 10.22
N TYR A 621 -22.85 27.61 9.62
CA TYR A 621 -21.56 27.44 10.31
C TYR A 621 -20.80 28.76 10.48
CA ALA B 7 -0.59 22.08 -33.33
N THR B 8 2.58 20.05 -32.66
CA THR B 8 3.91 20.29 -32.11
C THR B 8 4.26 19.16 -31.15
N SER B 9 3.85 17.96 -31.51
CA SER B 9 4.08 16.78 -30.69
C SER B 9 5.52 16.60 -30.19
N ARG B 10 5.69 15.61 -29.31
CA ARG B 10 6.96 15.23 -28.71
C ARG B 10 6.85 13.73 -28.42
N ILE B 11 7.15 12.92 -29.44
CA ILE B 11 7.06 11.46 -29.35
C ILE B 11 8.13 10.78 -28.49
N LYS B 12 7.70 9.79 -27.71
CA LYS B 12 8.58 9.03 -26.84
C LYS B 12 8.35 7.53 -27.00
N LYS B 13 9.43 6.76 -27.07
CA LYS B 13 9.35 5.31 -27.22
C LYS B 13 9.51 4.57 -25.89
N PHE B 14 8.64 3.60 -25.67
CA PHE B 14 8.72 2.80 -24.46
C PHE B 14 8.81 1.38 -24.92
N SER B 15 9.80 0.64 -24.43
CA SER B 15 9.89 -0.77 -24.81
C SER B 15 9.38 -1.46 -23.55
N ILE B 16 8.31 -2.22 -23.69
CA ILE B 16 7.71 -2.90 -22.54
C ILE B 16 7.61 -4.42 -22.68
N TYR B 17 7.88 -5.12 -21.59
CA TYR B 17 7.88 -6.57 -21.54
C TYR B 17 6.47 -7.13 -21.75
N ARG B 18 6.36 -8.17 -22.57
CA ARG B 18 5.07 -8.85 -22.84
C ARG B 18 5.11 -10.37 -22.68
N TRP B 19 3.94 -10.95 -22.43
CA TRP B 19 3.79 -12.40 -22.32
C TRP B 19 2.34 -12.72 -21.99
N ASP B 20 1.79 -13.72 -22.65
CA ASP B 20 0.40 -14.10 -22.44
C ASP B 20 0.30 -15.58 -22.06
N PRO B 21 -0.31 -15.88 -20.92
CA PRO B 21 -0.42 -17.28 -20.53
C PRO B 21 -1.45 -18.01 -21.41
N ASP B 22 -2.37 -17.25 -21.97
CA ASP B 22 -3.42 -17.82 -22.81
C ASP B 22 -3.02 -17.96 -24.26
N LYS B 23 -1.81 -17.50 -24.60
CA LYS B 23 -1.33 -17.61 -25.96
C LYS B 23 -0.43 -18.85 -25.95
N PRO B 24 -0.91 -19.95 -26.53
CA PRO B 24 -0.16 -21.22 -26.58
C PRO B 24 1.26 -21.08 -27.09
N GLY B 25 2.21 -21.47 -26.25
CA GLY B 25 3.62 -21.41 -26.60
C GLY B 25 4.17 -20.02 -26.88
N ASP B 26 3.62 -19.02 -26.21
CA ASP B 26 4.04 -17.64 -26.39
C ASP B 26 5.36 -17.46 -25.63
N LYS B 27 6.23 -16.57 -26.12
CA LYS B 27 7.50 -16.33 -25.46
C LYS B 27 7.66 -14.86 -25.14
N PRO B 28 8.23 -14.53 -23.97
CA PRO B 28 8.44 -13.15 -23.55
C PRO B 28 9.00 -12.36 -24.71
N ARG B 29 8.60 -11.10 -24.83
CA ARG B 29 9.06 -10.25 -25.91
C ARG B 29 8.84 -8.80 -25.54
N MET B 30 9.57 -7.90 -26.18
CA MET B 30 9.39 -6.48 -25.93
C MET B 30 8.57 -5.89 -27.07
N GLN B 31 7.68 -4.96 -26.74
CA GLN B 31 6.88 -4.27 -27.76
C GLN B 31 7.14 -2.79 -27.54
N THR B 32 7.28 -2.04 -28.63
CA THR B 32 7.52 -0.60 -28.53
C THR B 32 6.25 0.22 -28.80
N TYR B 33 6.09 1.32 -28.06
CA TYR B 33 4.95 2.22 -28.23
C TYR B 33 5.44 3.65 -28.28
N GLU B 34 4.78 4.47 -29.09
CA GLU B 34 5.15 5.86 -29.22
C GLU B 34 4.07 6.75 -28.60
N VAL B 35 4.48 7.60 -27.67
CA VAL B 35 3.53 8.47 -27.00
C VAL B 35 3.94 9.93 -27.04
N ASP B 36 2.98 10.80 -27.35
CA ASP B 36 3.22 12.23 -27.39
C ASP B 36 3.09 12.75 -25.96
N LEU B 37 4.22 13.20 -25.39
CA LEU B 37 4.23 13.71 -24.04
C LEU B 37 3.37 14.96 -23.88
N ASN B 38 2.99 15.57 -25.00
CA ASN B 38 2.17 16.77 -24.91
C ASN B 38 0.73 16.46 -24.59
N LYS B 39 0.30 15.26 -24.93
CA LYS B 39 -1.07 14.85 -24.63
C LYS B 39 -1.02 13.64 -23.70
N CYS B 40 -0.39 13.83 -22.55
CA CYS B 40 -0.25 12.77 -21.55
C CYS B 40 0.25 13.31 -20.21
N GLY B 41 -0.03 12.55 -19.13
CA GLY B 41 0.42 12.94 -17.81
C GLY B 41 1.93 12.81 -17.71
N PRO B 42 2.56 13.42 -16.70
CA PRO B 42 4.01 13.37 -16.49
C PRO B 42 4.56 12.06 -15.90
N MET B 43 3.68 11.16 -15.49
CA MET B 43 4.13 9.91 -14.89
C MET B 43 4.01 8.71 -15.81
N VAL B 44 4.98 7.81 -15.70
CA VAL B 44 5.00 6.60 -16.51
C VAL B 44 3.66 5.86 -16.38
N LEU B 45 3.06 5.91 -15.19
CA LEU B 45 1.79 5.24 -15.00
C LEU B 45 0.83 5.90 -15.96
N ASP B 46 0.85 7.23 -15.98
CA ASP B 46 -0.04 7.98 -16.85
C ASP B 46 0.16 7.50 -18.27
N ALA B 47 1.42 7.29 -18.66
CA ALA B 47 1.74 6.81 -20.00
C ALA B 47 1.21 5.40 -20.25
N LEU B 48 1.41 4.50 -19.28
CA LEU B 48 0.97 3.11 -19.39
C LEU B 48 -0.55 3.00 -19.56
N ILE B 49 -1.28 3.89 -18.91
CA ILE B 49 -2.74 3.91 -18.98
C ILE B 49 -3.25 4.49 -20.31
N LYS B 50 -2.49 5.42 -20.89
CA LYS B 50 -2.83 6.04 -22.17
C LYS B 50 -2.72 4.99 -23.28
N ILE B 51 -1.64 4.23 -23.23
CA ILE B 51 -1.35 3.15 -24.18
C ILE B 51 -2.45 2.12 -24.14
N LYS B 52 -2.84 1.72 -22.93
CA LYS B 52 -3.90 0.73 -22.78
C LYS B 52 -5.25 1.24 -23.27
N ASN B 53 -5.55 2.50 -23.00
CA ASN B 53 -6.82 3.09 -23.42
C ASN B 53 -6.87 3.48 -24.88
N GLU B 54 -5.71 3.65 -25.51
CA GLU B 54 -5.69 4.09 -26.91
C GLU B 54 -4.87 3.37 -27.94
N LEU B 55 -4.18 2.29 -27.58
CA LEU B 55 -3.34 1.59 -28.53
C LEU B 55 -3.27 0.08 -28.35
N ASP B 56 -3.35 -0.40 -27.11
CA ASP B 56 -3.27 -1.83 -26.89
C ASP B 56 -3.89 -2.20 -25.56
N SER B 57 -5.21 -2.22 -25.50
CA SER B 57 -5.91 -2.56 -24.27
C SER B 57 -5.61 -3.99 -23.78
N THR B 58 -4.58 -4.63 -24.33
CA THR B 58 -4.19 -5.97 -23.92
C THR B 58 -2.93 -5.84 -23.03
N LEU B 59 -2.47 -4.60 -22.88
CA LEU B 59 -1.30 -4.30 -22.05
C LEU B 59 -1.76 -4.43 -20.59
N THR B 60 -1.43 -5.57 -19.99
CA THR B 60 -1.84 -5.88 -18.63
C THR B 60 -0.88 -5.49 -17.50
N PHE B 61 -1.43 -4.94 -16.41
CA PHE B 61 -0.61 -4.55 -15.27
C PHE B 61 -1.45 -4.17 -14.05
N ARG B 62 -0.82 -4.15 -12.86
CA ARG B 62 -1.48 -3.79 -11.62
C ARG B 62 -1.49 -2.28 -11.40
N ARG B 63 -2.50 -1.77 -10.72
CA ARG B 63 -2.58 -0.34 -10.41
C ARG B 63 -3.84 -0.03 -9.63
N SER B 64 -3.80 1.04 -8.83
CA SER B 64 -4.96 1.48 -8.06
C SER B 64 -4.96 2.94 -7.65
N CYS B 65 -4.26 3.27 -6.56
CA CYS B 65 -4.21 4.62 -5.99
C CYS B 65 -3.69 5.79 -6.83
N ARG B 66 -2.74 5.49 -7.71
CA ARG B 66 -2.08 6.51 -8.56
C ARG B 66 -1.45 7.72 -7.86
N GLU B 67 -1.07 7.56 -6.59
CA GLU B 67 -0.39 8.61 -5.84
C GLU B 67 0.74 8.03 -4.97
N GLY B 68 1.15 6.81 -5.29
CA GLY B 68 2.23 6.17 -4.57
C GLY B 68 2.04 5.93 -3.08
N ILE B 69 0.98 5.22 -2.71
CA ILE B 69 0.71 4.90 -1.32
C ILE B 69 0.12 3.49 -1.19
N CYS B 70 -0.41 2.92 -2.27
CA CYS B 70 -0.96 1.57 -2.18
C CYS B 70 0.09 0.57 -2.58
N GLY B 71 1.11 1.04 -3.30
CA GLY B 71 2.17 0.14 -3.73
C GLY B 71 1.89 -0.80 -4.89
N SER B 72 0.73 -0.65 -5.54
CA SER B 72 0.36 -1.51 -6.65
C SER B 72 1.23 -1.44 -7.93
N CYS B 73 1.58 -0.22 -8.36
CA CYS B 73 2.36 -0.05 -9.60
C CYS B 73 3.85 -0.38 -9.58
N ALA B 74 4.26 -1.21 -8.63
CA ALA B 74 5.67 -1.63 -8.52
C ALA B 74 6.12 -2.33 -9.80
N MET B 75 7.32 -2.01 -10.27
CA MET B 75 7.85 -2.61 -11.49
C MET B 75 9.25 -2.03 -11.81
N ASN B 76 9.98 -2.68 -12.70
CA ASN B 76 11.32 -2.23 -13.09
C ASN B 76 11.31 -1.23 -14.25
N ILE B 77 11.36 0.05 -13.92
CA ILE B 77 11.35 1.11 -14.92
C ILE B 77 12.76 1.62 -15.18
N ALA B 78 13.28 1.32 -16.36
CA ALA B 78 14.62 1.76 -16.74
C ALA B 78 15.68 1.31 -15.76
N GLY B 79 15.78 -0.01 -15.59
CA GLY B 79 16.79 -0.55 -14.71
C GLY B 79 16.55 -0.58 -13.19
N GLY B 80 15.66 0.28 -12.70
CA GLY B 80 15.42 0.29 -11.26
C GLY B 80 13.98 0.12 -10.84
N ASN B 81 13.73 -0.66 -9.79
CA ASN B 81 12.36 -0.89 -9.32
C ASN B 81 11.79 0.38 -8.75
N THR B 82 10.55 0.67 -9.08
CA THR B 82 9.92 1.88 -8.58
C THR B 82 8.40 1.85 -8.76
N LEU B 83 7.73 2.93 -8.37
CA LEU B 83 6.29 3.06 -8.52
C LEU B 83 6.04 3.92 -9.77
N ALA B 84 5.49 3.29 -10.81
CA ALA B 84 5.20 3.97 -12.06
C ALA B 84 4.35 5.24 -11.86
N CYS B 85 3.48 5.21 -10.86
CA CYS B 85 2.61 6.35 -10.59
C CYS B 85 3.33 7.60 -10.06
N THR B 86 4.56 7.48 -9.58
CA THR B 86 5.27 8.67 -9.08
C THR B 86 6.60 8.85 -9.76
N LYS B 87 6.89 7.99 -10.73
CA LYS B 87 8.12 8.06 -11.50
C LYS B 87 7.88 9.00 -12.69
N LYS B 88 8.75 9.99 -12.86
CA LYS B 88 8.63 10.93 -13.97
C LYS B 88 9.11 10.34 -15.29
N ILE B 89 8.38 10.64 -16.36
CA ILE B 89 8.74 10.19 -17.70
C ILE B 89 9.97 11.01 -18.10
N ASP B 90 10.96 10.37 -18.71
CA ASP B 90 12.18 11.04 -19.12
C ASP B 90 11.95 11.96 -20.33
N PRO B 91 12.22 13.28 -20.20
CA PRO B 91 12.02 14.23 -21.29
C PRO B 91 12.87 13.97 -22.55
N ASP B 92 13.99 13.26 -22.36
CA ASP B 92 14.91 12.94 -23.46
C ASP B 92 14.27 12.00 -24.48
N LEU B 93 13.93 12.53 -25.64
CA LEU B 93 13.30 11.77 -26.71
C LEU B 93 14.27 10.81 -27.42
N SER B 94 15.56 10.98 -27.19
CA SER B 94 16.54 10.12 -27.84
C SER B 94 16.71 8.78 -27.11
N LYS B 95 16.01 8.62 -25.99
CA LYS B 95 16.10 7.39 -25.20
C LYS B 95 14.78 6.64 -25.14
N THR B 96 14.81 5.36 -25.49
CA THR B 96 13.60 4.55 -25.42
C THR B 96 13.60 3.96 -24.02
N THR B 97 12.56 4.25 -23.25
CA THR B 97 12.48 3.71 -21.89
C THR B 97 11.93 2.28 -21.89
N LYS B 98 12.72 1.36 -21.34
CA LYS B 98 12.30 -0.02 -21.25
C LYS B 98 11.60 -0.17 -19.90
N ILE B 99 10.69 -1.13 -19.83
CA ILE B 99 9.92 -1.35 -18.63
C ILE B 99 9.71 -2.83 -18.43
N TYR B 100 10.14 -3.35 -17.28
CA TYR B 100 10.01 -4.78 -16.98
C TYR B 100 9.20 -5.03 -15.71
N PRO B 101 8.91 -6.31 -15.42
CA PRO B 101 8.15 -6.66 -14.22
C PRO B 101 9.18 -6.66 -13.09
N LEU B 102 8.77 -6.77 -11.82
CA LEU B 102 9.75 -6.80 -10.76
C LEU B 102 10.66 -7.99 -11.10
N PRO B 103 11.99 -7.84 -10.89
CA PRO B 103 12.99 -8.87 -11.20
C PRO B 103 12.92 -10.21 -10.51
N HIS B 104 13.39 -11.23 -11.22
CA HIS B 104 13.43 -12.60 -10.71
C HIS B 104 12.14 -13.03 -10.01
N MET B 105 11.01 -12.88 -10.71
CA MET B 105 9.68 -13.25 -10.20
C MET B 105 8.98 -14.07 -11.24
N TYR B 106 8.10 -14.97 -10.81
CA TYR B 106 7.38 -15.74 -11.81
C TYR B 106 6.36 -14.79 -12.43
N VAL B 107 6.39 -14.68 -13.75
CA VAL B 107 5.47 -13.77 -14.42
C VAL B 107 4.10 -14.42 -14.69
N VAL B 108 3.05 -13.72 -14.25
CA VAL B 108 1.66 -14.14 -14.40
C VAL B 108 1.16 -13.71 -15.77
N LYS B 109 1.57 -12.52 -16.17
CA LYS B 109 1.22 -11.96 -17.45
C LYS B 109 1.78 -10.56 -17.52
N ASP B 110 2.41 -10.24 -18.65
CA ASP B 110 3.01 -8.94 -18.88
C ASP B 110 3.78 -8.39 -17.67
N LEU B 111 3.31 -7.31 -17.04
CA LEU B 111 4.05 -6.75 -15.92
C LEU B 111 3.50 -7.13 -14.57
N VAL B 112 2.82 -8.25 -14.52
CA VAL B 112 2.21 -8.72 -13.28
C VAL B 112 2.96 -9.93 -12.74
N PRO B 113 3.65 -9.75 -11.61
CA PRO B 113 4.42 -10.80 -10.96
C PRO B 113 3.57 -11.54 -9.94
N ASP B 114 4.05 -12.71 -9.51
CA ASP B 114 3.34 -13.51 -8.50
C ASP B 114 3.98 -13.20 -7.14
N LEU B 115 3.34 -12.34 -6.34
CA LEU B 115 3.88 -11.96 -5.03
C LEU B 115 3.38 -12.80 -3.91
N SER B 116 2.86 -14.00 -4.18
CA SER B 116 2.33 -14.76 -3.07
C SER B 116 3.35 -15.29 -2.05
N ASN B 117 4.61 -15.45 -2.43
CA ASN B 117 5.60 -15.93 -1.46
C ASN B 117 5.99 -14.72 -0.58
N PHE B 118 6.10 -13.57 -1.23
CA PHE B 118 6.42 -12.32 -0.56
C PHE B 118 5.37 -12.14 0.55
N TYR B 119 4.10 -12.31 0.20
CA TYR B 119 3.05 -12.12 1.19
C TYR B 119 3.10 -13.07 2.37
N ALA B 120 3.36 -14.34 2.12
CA ALA B 120 3.43 -15.35 3.17
C ALA B 120 4.63 -15.10 4.06
N GLN B 121 5.72 -14.60 3.48
CA GLN B 121 6.92 -14.33 4.25
C GLN B 121 6.62 -13.29 5.32
N TYR B 122 5.82 -12.31 4.94
CA TYR B 122 5.42 -11.25 5.83
C TYR B 122 4.60 -11.89 6.94
N LYS B 123 3.59 -12.66 6.56
CA LYS B 123 2.73 -13.32 7.55
C LYS B 123 3.50 -14.07 8.66
N SER B 124 4.55 -14.79 8.25
CA SER B 124 5.35 -15.60 9.16
C SER B 124 6.12 -14.87 10.24
N ILE B 125 6.22 -13.53 10.19
CA ILE B 125 6.92 -12.82 11.24
C ILE B 125 5.91 -12.26 12.24
N GLU B 126 4.65 -12.61 12.03
CA GLU B 126 3.58 -12.18 12.91
C GLU B 126 3.58 -10.66 13.10
N PRO B 127 3.29 -9.93 12.03
CA PRO B 127 3.24 -8.46 11.99
C PRO B 127 2.04 -7.88 12.74
N TYR B 128 1.92 -8.24 14.02
CA TYR B 128 0.83 -7.76 14.85
C TYR B 128 1.24 -7.74 16.31
N LEU B 129 0.64 -6.83 17.07
CA LEU B 129 0.94 -6.66 18.47
C LEU B 129 0.63 -7.90 19.29
N LYS B 130 1.60 -8.35 20.08
CA LYS B 130 1.43 -9.51 20.95
C LYS B 130 1.83 -9.14 22.39
N LYS B 131 0.87 -9.14 23.31
CA LYS B 131 1.20 -8.83 24.71
C LYS B 131 1.11 -10.15 25.47
N LYS B 132 1.88 -10.26 26.54
CA LYS B 132 1.86 -11.48 27.34
C LYS B 132 0.51 -11.54 28.04
N ASP B 133 0.00 -10.38 28.44
CA ASP B 133 -1.31 -10.33 29.08
C ASP B 133 -2.28 -9.70 28.09
N GLU B 134 -3.04 -10.55 27.39
CA GLU B 134 -4.01 -10.12 26.41
C GLU B 134 -5.43 -10.25 26.95
N SER B 135 -5.54 -10.35 28.28
CA SER B 135 -6.83 -10.49 28.95
C SER B 135 -7.49 -9.12 29.18
N LYS B 136 -6.85 -8.07 28.70
CA LYS B 136 -7.36 -6.71 28.89
C LYS B 136 -7.52 -5.96 27.57
N GLN B 137 -7.41 -6.66 26.46
CA GLN B 137 -7.53 -6.03 25.14
C GLN B 137 -8.93 -5.46 24.91
N GLY B 138 -9.01 -4.12 24.88
CA GLY B 138 -10.27 -3.46 24.63
C GLY B 138 -10.78 -2.50 25.69
N LYS B 139 -10.08 -2.40 26.81
CA LYS B 139 -10.53 -1.52 27.89
C LYS B 139 -9.98 -0.09 27.80
N GLU B 140 -8.66 0.05 27.73
CA GLU B 140 -8.05 1.37 27.65
C GLU B 140 -6.86 1.50 26.69
N GLN B 141 -6.54 2.75 26.35
CA GLN B 141 -5.41 3.04 25.47
C GLN B 141 -4.15 2.54 26.15
N TYR B 142 -3.22 2.00 25.37
CA TYR B 142 -1.94 1.55 25.89
C TYR B 142 -1.08 2.80 25.92
N LEU B 143 -0.25 2.93 26.94
CA LEU B 143 0.57 4.12 27.03
C LEU B 143 1.89 4.05 26.27
N GLN B 144 2.13 5.06 25.43
CA GLN B 144 3.35 5.14 24.65
C GLN B 144 3.73 6.60 24.57
N SER B 145 4.94 6.91 24.99
CA SER B 145 5.44 8.27 25.01
C SER B 145 5.87 8.77 23.65
N ILE B 146 5.83 10.10 23.51
CA ILE B 146 6.26 10.72 22.29
C ILE B 146 7.59 10.09 21.87
N GLU B 147 8.51 10.00 22.83
CA GLU B 147 9.83 9.44 22.57
C GLU B 147 9.80 8.07 21.92
N ASP B 148 9.17 7.09 22.58
CA ASP B 148 9.11 5.73 22.03
C ASP B 148 8.35 5.63 20.71
N ARG B 149 7.43 6.57 20.50
CA ARG B 149 6.64 6.56 19.29
C ARG B 149 7.53 6.97 18.14
N GLN B 150 8.48 7.85 18.41
CA GLN B 150 9.39 8.32 17.38
C GLN B 150 10.27 7.24 16.78
N LYS B 151 10.52 6.20 17.56
CA LYS B 151 11.34 5.07 17.13
C LYS B 151 10.67 4.33 15.98
N LEU B 152 9.38 4.55 15.81
CA LEU B 152 8.67 3.87 14.73
C LEU B 152 8.71 4.66 13.40
N ASP B 153 9.15 5.91 13.46
CA ASP B 153 9.22 6.72 12.25
C ASP B 153 10.24 6.15 11.28
N GLY B 154 9.83 5.94 10.02
CA GLY B 154 10.72 5.41 9.00
C GLY B 154 10.63 3.89 8.90
N LEU B 155 9.70 3.33 9.66
CA LEU B 155 9.48 1.88 9.68
C LEU B 155 8.02 1.52 9.42
N TYR B 156 7.09 2.31 9.97
CA TYR B 156 5.68 2.03 9.77
C TYR B 156 5.16 2.51 8.40
N GLU B 157 5.86 3.47 7.81
CA GLU B 157 5.49 4.06 6.53
C GLU B 157 5.51 3.08 5.37
N CYS B 158 6.12 1.91 5.58
CA CYS B 158 6.22 0.93 4.50
C CYS B 158 4.89 0.54 3.91
N ILE B 159 4.87 0.36 2.59
CA ILE B 159 3.66 0.00 1.87
C ILE B 159 3.75 -1.33 1.17
N LEU B 160 4.69 -2.17 1.58
CA LEU B 160 4.83 -3.49 0.97
C LEU B 160 4.66 -3.48 -0.56
N CYS B 161 5.56 -2.82 -1.27
CA CYS B 161 5.51 -2.79 -2.73
C CYS B 161 6.41 -3.86 -3.30
N ALA B 162 7.34 -4.36 -2.47
CA ALA B 162 8.28 -5.42 -2.84
C ALA B 162 9.41 -4.94 -3.75
N CYS B 163 9.56 -3.61 -3.84
CA CYS B 163 10.63 -3.05 -4.66
C CYS B 163 11.99 -3.40 -4.05
N CYS B 164 12.12 -3.18 -2.75
CA CYS B 164 13.38 -3.46 -2.10
C CYS B 164 13.74 -4.93 -2.20
N SER B 165 12.86 -5.79 -1.71
CA SER B 165 13.18 -7.20 -1.77
C SER B 165 13.47 -7.72 -3.17
N THR B 166 12.74 -7.23 -4.18
CA THR B 166 13.00 -7.71 -5.55
C THR B 166 14.19 -6.98 -6.21
N SER B 167 14.89 -6.16 -5.43
CA SER B 167 16.05 -5.47 -5.97
C SER B 167 17.31 -6.07 -5.37
N CYS B 168 17.15 -6.82 -4.28
CA CYS B 168 18.26 -7.44 -3.56
C CYS B 168 18.76 -8.79 -4.09
N PRO B 169 20.01 -8.85 -4.58
CA PRO B 169 20.65 -10.06 -5.12
C PRO B 169 20.52 -11.32 -4.25
N SER B 170 20.59 -11.16 -2.94
CA SER B 170 20.47 -12.31 -2.06
C SER B 170 19.05 -12.85 -2.18
N TYR B 171 18.10 -11.94 -2.35
CA TYR B 171 16.70 -12.33 -2.47
C TYR B 171 16.56 -13.14 -3.77
N TRP B 172 17.21 -12.67 -4.82
CA TRP B 172 17.18 -13.35 -6.11
C TRP B 172 17.65 -14.80 -6.00
N TRP B 173 18.65 -15.04 -5.16
CA TRP B 173 19.26 -16.34 -5.01
C TRP B 173 18.61 -17.26 -3.96
N ASN B 174 18.28 -16.72 -2.80
CA ASN B 174 17.66 -17.54 -1.77
C ASN B 174 16.35 -16.96 -1.32
N GLY B 175 15.58 -16.47 -2.28
CA GLY B 175 14.30 -15.88 -2.00
C GLY B 175 13.32 -16.80 -1.32
N ASP B 176 13.59 -18.11 -1.35
CA ASP B 176 12.71 -19.08 -0.71
C ASP B 176 12.92 -19.23 0.80
N LYS B 177 14.10 -18.89 1.29
CA LYS B 177 14.38 -18.98 2.72
C LYS B 177 14.78 -17.64 3.35
N TYR B 178 15.21 -16.69 2.53
CA TYR B 178 15.63 -15.37 3.00
C TYR B 178 14.44 -14.41 2.92
N LEU B 179 14.03 -13.88 4.07
CA LEU B 179 12.91 -12.96 4.14
C LEU B 179 12.99 -11.73 3.23
N GLY B 180 14.16 -11.10 3.14
CA GLY B 180 14.29 -9.94 2.28
C GLY B 180 14.07 -8.66 3.05
N PRO B 181 14.58 -7.52 2.56
CA PRO B 181 14.41 -6.25 3.26
C PRO B 181 13.01 -5.88 3.77
N ALA B 182 12.01 -5.91 2.89
CA ALA B 182 10.66 -5.57 3.32
C ALA B 182 10.29 -6.22 4.65
N VAL B 183 10.07 -7.52 4.60
CA VAL B 183 9.68 -8.29 5.78
C VAL B 183 10.55 -8.08 7.02
N LEU B 184 11.86 -8.13 6.85
CA LEU B 184 12.75 -7.93 7.99
C LEU B 184 12.53 -6.57 8.63
N MET B 185 12.43 -5.52 7.83
CA MET B 185 12.22 -4.21 8.43
C MET B 185 10.89 -4.15 9.18
N GLN B 186 9.96 -5.04 8.89
CA GLN B 186 8.70 -5.06 9.63
C GLN B 186 8.89 -5.97 10.85
N ALA B 187 9.79 -6.94 10.75
CA ALA B 187 10.04 -7.78 11.91
C ALA B 187 10.62 -6.84 13.01
N TYR B 188 11.44 -5.87 12.58
CA TYR B 188 12.08 -4.88 13.45
C TYR B 188 11.03 -3.89 13.97
N ARG B 189 10.09 -3.57 13.09
CA ARG B 189 8.99 -2.68 13.42
C ARG B 189 8.24 -3.17 14.64
N TRP B 190 8.20 -4.49 14.85
CA TRP B 190 7.48 -5.02 16.02
C TRP B 190 8.44 -5.35 17.16
N MET B 191 9.73 -5.43 16.85
CA MET B 191 10.69 -5.71 17.92
C MET B 191 10.87 -4.43 18.74
N ILE B 192 10.97 -3.28 18.08
CA ILE B 192 11.15 -2.05 18.84
C ILE B 192 9.87 -1.31 19.25
N ASP B 193 8.71 -1.93 19.03
CA ASP B 193 7.45 -1.27 19.41
C ASP B 193 7.38 -1.39 20.92
N SER B 194 7.40 -0.26 21.63
CA SER B 194 7.39 -0.26 23.10
C SER B 194 6.21 -0.97 23.74
N ARG B 195 5.21 -1.29 22.94
CA ARG B 195 4.02 -1.98 23.44
C ARG B 195 4.08 -3.50 23.24
N ASP B 196 5.00 -4.01 22.39
CA ASP B 196 5.10 -5.46 22.15
C ASP B 196 5.96 -6.17 23.20
N ASP B 197 5.49 -7.32 23.67
CA ASP B 197 6.19 -8.11 24.70
C ASP B 197 6.82 -9.38 24.17
N TYR B 198 7.04 -9.45 22.86
CA TYR B 198 7.65 -10.66 22.29
C TYR B 198 8.98 -10.48 21.59
N THR B 199 9.71 -9.43 21.95
CA THR B 199 10.99 -9.17 21.32
C THR B 199 11.84 -10.43 21.19
N GLU B 200 12.34 -10.94 22.30
CA GLU B 200 13.16 -12.13 22.29
C GLU B 200 12.62 -13.24 21.37
N GLU B 201 11.32 -13.47 21.37
CA GLU B 201 10.77 -14.52 20.51
C GLU B 201 10.91 -14.18 19.03
N ARG B 202 10.74 -12.90 18.70
CA ARG B 202 10.86 -12.45 17.32
C ARG B 202 12.31 -12.55 16.85
N LEU B 203 13.24 -12.49 17.79
CA LEU B 203 14.66 -12.60 17.45
C LEU B 203 15.00 -14.09 17.38
N ALA B 204 14.45 -14.86 18.29
CA ALA B 204 14.67 -16.30 18.33
C ALA B 204 14.34 -16.91 16.98
N GLN B 205 13.28 -16.42 16.35
CA GLN B 205 12.89 -16.92 15.05
C GLN B 205 13.92 -16.69 13.94
N LEU B 206 14.82 -15.72 14.13
CA LEU B 206 15.81 -15.45 13.09
C LEU B 206 17.15 -16.16 13.33
N GLN B 207 17.11 -17.22 14.13
CA GLN B 207 18.33 -17.95 14.41
C GLN B 207 18.55 -19.07 13.42
N ASP B 208 18.91 -18.71 12.19
CA ASP B 208 19.19 -19.69 11.17
C ASP B 208 20.06 -19.02 10.10
N PRO B 209 20.71 -19.80 9.24
CA PRO B 209 21.57 -19.25 8.19
C PRO B 209 20.91 -18.40 7.10
N PHE B 210 19.59 -18.46 7.00
CA PHE B 210 18.88 -17.75 5.92
C PHE B 210 18.00 -16.52 6.14
N SER B 211 17.00 -16.65 7.01
CA SER B 211 16.05 -15.58 7.28
C SER B 211 16.61 -14.17 7.32
N LEU B 212 17.68 -14.00 8.08
CA LEU B 212 18.30 -12.69 8.22
C LEU B 212 19.73 -12.60 7.69
N TYR B 213 20.54 -13.64 7.95
CA TYR B 213 21.96 -13.63 7.56
C TYR B 213 22.35 -13.69 6.09
N ARG B 214 21.38 -13.78 5.19
CA ARG B 214 21.74 -13.75 3.78
C ARG B 214 22.04 -12.29 3.36
N CYS B 215 21.88 -11.34 4.28
CA CYS B 215 22.14 -9.92 4.01
C CYS B 215 23.60 -9.56 4.22
N HIS B 216 24.30 -9.26 3.14
CA HIS B 216 25.70 -8.89 3.19
C HIS B 216 25.90 -7.39 2.94
N THR B 217 24.90 -6.60 3.30
CA THR B 217 24.95 -5.16 3.14
C THR B 217 25.20 -4.62 1.74
N ILE B 218 24.62 -5.26 0.74
CA ILE B 218 24.76 -4.80 -0.64
C ILE B 218 24.19 -3.37 -0.77
N MET B 219 23.07 -3.12 -0.08
CA MET B 219 22.39 -1.83 -0.05
C MET B 219 21.58 -1.42 -1.31
N ASN B 220 21.15 -2.40 -2.09
CA ASN B 220 20.32 -2.10 -3.28
C ASN B 220 18.94 -1.69 -2.78
N CYS B 221 18.57 -2.23 -1.64
CA CYS B 221 17.28 -1.96 -1.04
C CYS B 221 17.06 -0.48 -0.74
N THR B 222 17.90 0.09 0.12
CA THR B 222 17.74 1.49 0.49
C THR B 222 17.72 2.38 -0.72
N ARG B 223 18.64 2.20 -1.64
CA ARG B 223 18.63 3.03 -2.85
C ARG B 223 17.31 2.99 -3.63
N THR B 224 16.68 1.82 -3.68
CA THR B 224 15.46 1.62 -4.45
C THR B 224 14.11 1.97 -3.80
N CYS B 225 14.09 2.16 -2.48
CA CYS B 225 12.81 2.46 -1.84
C CYS B 225 12.15 3.79 -2.18
N PRO B 226 10.89 3.73 -2.65
CA PRO B 226 10.01 4.84 -3.06
C PRO B 226 9.52 5.77 -1.95
N LYS B 227 9.46 5.27 -0.74
CA LYS B 227 9.00 6.11 0.37
C LYS B 227 10.21 6.66 1.11
N GLY B 228 11.38 6.45 0.55
CA GLY B 228 12.59 6.93 1.18
C GLY B 228 12.97 6.19 2.45
N LEU B 229 12.53 4.94 2.59
CA LEU B 229 12.86 4.17 3.79
C LEU B 229 14.25 3.58 3.68
N ASN B 230 14.81 3.14 4.80
CA ASN B 230 16.15 2.56 4.80
C ASN B 230 16.14 1.13 5.34
N PRO B 231 15.51 0.20 4.60
CA PRO B 231 15.48 -1.18 5.08
C PRO B 231 16.85 -1.70 5.51
N GLY B 232 17.87 -1.38 4.71
CA GLY B 232 19.22 -1.81 5.01
C GLY B 232 19.73 -1.48 6.40
N LYS B 233 19.47 -0.27 6.90
CA LYS B 233 19.91 0.10 8.24
C LYS B 233 19.07 -0.58 9.32
N ALA B 234 17.83 -0.94 8.98
CA ALA B 234 17.00 -1.61 9.97
C ALA B 234 17.54 -3.01 10.19
N ILE B 235 17.99 -3.63 9.11
CA ILE B 235 18.54 -4.96 9.19
C ILE B 235 19.82 -4.92 9.99
N ALA B 236 20.55 -3.83 9.87
CA ALA B 236 21.78 -3.68 10.62
C ALA B 236 21.51 -3.71 12.12
N GLU B 237 20.46 -3.03 12.57
CA GLU B 237 20.16 -2.99 14.00
C GLU B 237 19.69 -4.34 14.52
N ILE B 238 18.99 -5.11 13.70
CA ILE B 238 18.54 -6.45 14.11
C ILE B 238 19.78 -7.28 14.52
N LYS B 239 20.74 -7.35 13.61
CA LYS B 239 21.98 -8.08 13.81
C LYS B 239 22.61 -7.77 15.15
N LYS B 240 22.59 -6.49 15.53
CA LYS B 240 23.15 -6.10 16.82
C LYS B 240 22.32 -6.62 17.99
N MET B 241 21.03 -6.77 17.79
CA MET B 241 20.17 -7.29 18.85
C MET B 241 20.38 -8.80 18.97
N MET B 242 20.51 -9.45 17.83
CA MET B 242 20.73 -10.88 17.78
C MET B 242 21.95 -11.25 18.60
N ALA B 243 22.97 -10.41 18.54
CA ALA B 243 24.19 -10.66 19.26
C ALA B 243 24.20 -10.17 20.72
N THR B 244 23.24 -9.33 21.11
CA THR B 244 23.24 -8.81 22.48
C THR B 244 22.08 -9.19 23.41
N TYR B 245 21.21 -10.10 22.99
CA TYR B 245 20.08 -10.51 23.84
C TYR B 245 20.36 -11.81 24.58
N LYS B 246 19.58 -12.09 25.62
CA LYS B 246 19.76 -13.30 26.43
C LYS B 246 18.44 -13.91 26.88
N GLU B 247 18.53 -15.04 27.59
CA GLU B 247 17.37 -15.78 28.11
C GLU B 247 16.71 -16.62 27.01
N ALA C 2 -8.25 -21.43 6.63
CA ALA C 2 -7.19 -20.63 5.96
C ALA C 2 -5.86 -21.36 6.06
N THR C 3 -4.98 -21.11 5.10
CA THR C 3 -3.66 -21.74 5.06
C THR C 3 -2.65 -21.04 5.97
N THR C 4 -1.58 -21.72 6.34
CA THR C 4 -0.54 -21.12 7.19
C THR C 4 0.51 -20.52 6.26
N ALA C 5 1.41 -19.73 6.83
CA ALA C 5 2.47 -19.13 6.02
C ALA C 5 3.28 -20.21 5.34
N LYS C 6 3.50 -21.31 6.06
CA LYS C 6 4.28 -22.41 5.51
C LYS C 6 3.49 -23.19 4.48
N GLU C 7 2.17 -23.21 4.65
CA GLU C 7 1.35 -23.93 3.70
C GLU C 7 1.31 -23.17 2.40
N GLU C 8 1.42 -21.84 2.48
CA GLU C 8 1.39 -21.00 1.29
C GLU C 8 2.71 -21.02 0.53
N MET C 9 3.81 -21.04 1.25
CA MET C 9 5.11 -21.05 0.60
C MET C 9 5.32 -22.33 -0.20
N ALA C 10 5.01 -23.46 0.43
CA ALA C 10 5.15 -24.81 -0.16
C ALA C 10 4.28 -25.01 -1.40
N ARG C 11 3.12 -24.36 -1.39
CA ARG C 11 2.17 -24.42 -2.49
C ARG C 11 2.52 -23.39 -3.54
N PHE C 12 3.30 -22.38 -3.16
CA PHE C 12 3.70 -21.34 -4.10
C PHE C 12 4.65 -21.91 -5.11
N TRP C 13 5.65 -22.63 -4.63
CA TRP C 13 6.65 -23.22 -5.51
C TRP C 13 6.06 -24.38 -6.30
N GLU C 14 5.16 -25.10 -5.64
CA GLU C 14 4.47 -26.24 -6.19
C GLU C 14 3.70 -25.90 -7.46
N LYS C 15 3.02 -24.76 -7.44
CA LYS C 15 2.25 -24.33 -8.60
C LYS C 15 3.10 -23.68 -9.68
N ASN C 16 4.00 -22.80 -9.27
CA ASN C 16 4.83 -22.09 -10.22
C ASN C 16 5.95 -22.89 -10.84
N THR C 17 6.52 -23.85 -10.10
CA THR C 17 7.60 -24.63 -10.67
C THR C 17 7.13 -25.60 -11.76
N LYS C 18 5.82 -25.85 -11.82
CA LYS C 18 5.28 -26.75 -12.81
C LYS C 18 4.42 -26.04 -13.86
N SER C 19 4.49 -24.71 -13.87
CA SER C 19 3.72 -23.90 -14.83
C SER C 19 4.60 -23.60 -16.03
N SER C 20 4.09 -22.80 -16.95
CA SER C 20 4.86 -22.39 -18.13
C SER C 20 5.20 -20.91 -17.99
N ARG C 21 5.10 -20.40 -16.76
CA ARG C 21 5.38 -19.01 -16.48
C ARG C 21 6.88 -18.75 -16.53
N PRO C 22 7.29 -17.65 -17.18
CA PRO C 22 8.71 -17.29 -17.29
C PRO C 22 9.19 -16.53 -16.06
N LEU C 23 10.50 -16.47 -15.86
CA LEU C 23 11.07 -15.74 -14.74
C LEU C 23 11.50 -14.38 -15.26
N SER C 24 10.96 -13.32 -14.66
CA SER C 24 11.29 -11.96 -15.08
C SER C 24 12.79 -11.80 -14.95
N PRO C 25 13.45 -11.16 -15.94
CA PRO C 25 14.90 -10.95 -15.92
C PRO C 25 15.37 -10.18 -14.70
N HIS C 26 16.68 -10.19 -14.46
CA HIS C 26 17.25 -9.48 -13.31
C HIS C 26 18.64 -8.87 -13.55
N ILE C 27 19.68 -9.64 -13.24
CA ILE C 27 21.07 -9.20 -13.42
C ILE C 27 21.31 -8.60 -14.81
N SER C 28 20.66 -9.17 -15.82
CA SER C 28 20.81 -8.73 -17.20
C SER C 28 20.09 -7.43 -17.56
N ILE C 29 19.15 -7.00 -16.71
CA ILE C 29 18.41 -5.78 -17.00
C ILE C 29 18.46 -4.73 -15.90
N TYR C 30 19.06 -5.08 -14.77
CA TYR C 30 19.14 -4.17 -13.64
C TYR C 30 20.27 -3.14 -13.73
N LYS C 31 19.97 -1.91 -13.32
CA LYS C 31 20.96 -0.83 -13.36
C LYS C 31 21.97 -0.97 -12.25
N TRP C 32 23.25 -0.73 -12.58
CA TRP C 32 24.32 -0.84 -11.58
C TRP C 32 24.59 0.49 -10.89
N SER C 33 25.29 0.42 -9.77
CA SER C 33 25.67 1.62 -9.03
C SER C 33 27.06 1.32 -8.49
N LEU C 34 27.73 2.36 -8.03
CA LEU C 34 29.07 2.15 -7.51
C LEU C 34 29.00 1.18 -6.33
N PRO C 35 28.19 1.50 -5.32
CA PRO C 35 28.11 0.58 -4.19
C PRO C 35 27.92 -0.88 -4.61
N MET C 36 26.94 -1.11 -5.47
CA MET C 36 26.66 -2.46 -5.93
C MET C 36 27.87 -3.16 -6.56
N ALA C 37 28.63 -2.42 -7.37
CA ALA C 37 29.81 -2.97 -8.04
C ALA C 37 30.95 -3.24 -7.08
N MET C 38 31.10 -2.34 -6.10
CA MET C 38 32.14 -2.47 -5.09
C MET C 38 31.80 -3.63 -4.19
N SER C 39 30.52 -3.94 -4.09
CA SER C 39 30.04 -5.03 -3.27
C SER C 39 30.44 -6.38 -3.86
N ILE C 40 30.25 -6.53 -5.16
CA ILE C 40 30.60 -7.78 -5.79
C ILE C 40 32.11 -7.92 -5.77
N THR C 41 32.79 -6.81 -6.03
CA THR C 41 34.24 -6.81 -6.02
C THR C 41 34.84 -7.20 -4.68
N HIS C 42 34.16 -6.90 -3.59
CA HIS C 42 34.72 -7.25 -2.30
C HIS C 42 34.78 -8.77 -2.19
N ARG C 43 33.75 -9.41 -2.72
CA ARG C 43 33.62 -10.85 -2.71
C ARG C 43 34.63 -11.51 -3.65
N GLY C 44 34.81 -10.91 -4.82
CA GLY C 44 35.76 -11.43 -5.79
C GLY C 44 37.19 -11.42 -5.27
N THR C 45 37.60 -10.29 -4.73
CA THR C 45 38.95 -10.18 -4.18
C THR C 45 39.12 -11.10 -2.97
N GLY C 46 38.04 -11.33 -2.24
CA GLY C 46 38.13 -12.23 -1.10
C GLY C 46 38.44 -13.64 -1.58
N VAL C 47 37.65 -14.12 -2.54
CA VAL C 47 37.82 -15.44 -3.09
C VAL C 47 39.20 -15.59 -3.68
N ALA C 48 39.62 -14.57 -4.43
CA ALA C 48 40.94 -14.63 -5.05
C ALA C 48 42.02 -14.64 -3.98
N LEU C 49 41.88 -13.78 -2.97
CA LEU C 49 42.88 -13.74 -1.91
C LEU C 49 42.96 -15.13 -1.32
N SER C 50 41.81 -15.74 -1.08
CA SER C 50 41.74 -17.09 -0.52
C SER C 50 42.45 -18.15 -1.35
N LEU C 51 42.15 -18.20 -2.63
CA LEU C 51 42.79 -19.16 -3.50
C LEU C 51 44.28 -18.91 -3.50
N GLY C 52 44.64 -17.63 -3.50
CA GLY C 52 46.04 -17.26 -3.52
C GLY C 52 46.77 -17.87 -2.35
N VAL C 53 46.19 -17.75 -1.16
CA VAL C 53 46.79 -18.31 0.04
C VAL C 53 46.75 -19.83 0.01
N SER C 54 45.77 -20.40 -0.69
CA SER C 54 45.69 -21.86 -0.77
C SER C 54 46.68 -22.35 -1.79
N LEU C 55 46.86 -21.58 -2.86
CA LEU C 55 47.82 -21.97 -3.89
C LEU C 55 49.24 -21.86 -3.37
N PHE C 56 49.40 -21.16 -2.26
CA PHE C 56 50.72 -21.00 -1.68
C PHE C 56 51.07 -22.15 -0.74
N SER C 57 50.09 -22.62 0.02
CA SER C 57 50.33 -23.70 0.96
C SER C 57 50.61 -24.98 0.21
N LEU C 58 50.00 -25.13 -0.97
CA LEU C 58 50.20 -26.31 -1.77
C LEU C 58 51.60 -26.33 -2.33
N ALA C 59 51.99 -25.23 -2.98
CA ALA C 59 53.32 -25.11 -3.55
C ALA C 59 54.36 -25.40 -2.48
N ALA C 60 54.11 -24.97 -1.26
CA ALA C 60 55.06 -25.23 -0.18
C ALA C 60 55.24 -26.74 0.03
N LEU C 61 54.12 -27.46 0.08
CA LEU C 61 54.11 -28.92 0.30
C LEU C 61 54.57 -29.74 -0.90
N LEU C 62 54.63 -29.14 -2.08
CA LEU C 62 54.97 -29.90 -3.28
C LEU C 62 56.20 -29.55 -4.13
N LEU C 63 56.53 -28.28 -4.25
CA LEU C 63 57.68 -27.91 -5.07
C LEU C 63 59.00 -28.45 -4.52
N PRO C 64 59.97 -28.69 -5.42
CA PRO C 64 61.30 -29.21 -5.11
C PRO C 64 62.21 -28.31 -4.29
N GLU C 65 62.28 -27.04 -4.66
CA GLU C 65 63.16 -26.10 -3.97
C GLU C 65 62.44 -25.31 -2.90
N GLN C 66 63.19 -24.83 -1.92
CA GLN C 66 62.63 -24.00 -0.87
C GLN C 66 62.34 -22.64 -1.52
N PHE C 67 61.79 -21.72 -0.74
CA PHE C 67 61.44 -20.41 -1.26
C PHE C 67 62.64 -19.58 -1.71
N PRO C 68 63.73 -19.57 -0.91
CA PRO C 68 64.92 -18.79 -1.25
C PRO C 68 65.48 -19.01 -2.64
N HIS C 69 65.35 -20.23 -3.14
CA HIS C 69 65.86 -20.55 -4.47
C HIS C 69 65.01 -19.92 -5.56
N TYR C 70 63.70 -19.92 -5.39
CA TYR C 70 62.83 -19.34 -6.40
C TYR C 70 62.98 -17.84 -6.44
N VAL C 71 63.38 -17.26 -5.32
CA VAL C 71 63.58 -15.82 -5.23
C VAL C 71 64.84 -15.45 -6.01
N ALA C 72 65.81 -16.35 -6.04
CA ALA C 72 67.04 -16.10 -6.77
C ALA C 72 66.73 -16.24 -8.26
N VAL C 73 66.08 -17.34 -8.61
CA VAL C 73 65.71 -17.60 -9.99
C VAL C 73 65.03 -16.40 -10.61
N VAL C 74 64.46 -15.55 -9.76
CA VAL C 74 63.78 -14.39 -10.25
C VAL C 74 64.74 -13.22 -10.44
N LYS C 75 65.62 -13.02 -9.45
CA LYS C 75 66.59 -11.92 -9.52
C LYS C 75 67.57 -12.06 -10.67
N SER C 76 67.93 -13.29 -11.01
CA SER C 76 68.85 -13.51 -12.12
C SER C 76 68.02 -13.48 -13.38
N LEU C 77 67.30 -12.39 -13.56
CA LEU C 77 66.45 -12.20 -14.74
C LEU C 77 66.42 -10.72 -15.07
N SER C 78 67.17 -9.92 -14.31
CA SER C 78 67.22 -8.46 -14.51
C SER C 78 65.98 -7.97 -15.24
N LEU C 79 64.82 -8.18 -14.62
CA LEU C 79 63.55 -7.77 -15.19
C LEU C 79 63.44 -6.27 -15.07
N SER C 80 62.74 -5.66 -16.02
CA SER C 80 62.54 -4.22 -16.01
C SER C 80 61.86 -3.85 -14.71
N PRO C 81 62.49 -2.99 -13.89
CA PRO C 81 61.90 -2.58 -12.61
C PRO C 81 60.43 -2.19 -12.77
N ALA C 82 60.08 -1.68 -13.96
CA ALA C 82 58.69 -1.30 -14.23
C ALA C 82 57.87 -2.58 -14.11
N LEU C 83 58.30 -3.61 -14.84
CA LEU C 83 57.64 -4.91 -14.81
C LEU C 83 57.69 -5.44 -13.41
N ILE C 84 58.66 -4.96 -12.64
CA ILE C 84 58.78 -5.37 -11.26
C ILE C 84 57.68 -4.67 -10.50
N TYR C 85 57.65 -3.34 -10.60
CA TYR C 85 56.65 -2.49 -9.94
C TYR C 85 55.26 -3.03 -10.21
N SER C 86 54.92 -3.13 -11.49
CA SER C 86 53.61 -3.61 -11.92
C SER C 86 53.24 -4.92 -11.22
N ALA C 87 54.15 -5.88 -11.26
CA ALA C 87 53.96 -7.17 -10.63
C ALA C 87 53.67 -7.03 -9.13
N LYS C 88 54.27 -6.01 -8.50
CA LYS C 88 54.06 -5.78 -7.07
C LYS C 88 52.73 -5.10 -6.83
N PHE C 89 52.31 -4.30 -7.81
CA PHE C 89 51.06 -3.58 -7.71
C PHE C 89 49.91 -4.55 -7.87
N ALA C 90 50.02 -5.41 -8.89
CA ALA C 90 48.99 -6.41 -9.16
C ALA C 90 49.00 -7.45 -8.05
N LEU C 91 49.99 -7.33 -7.18
CA LEU C 91 50.12 -8.28 -6.11
C LEU C 91 49.37 -7.77 -4.90
N VAL C 92 49.49 -6.47 -4.63
CA VAL C 92 48.86 -5.90 -3.44
C VAL C 92 47.55 -5.13 -3.65
N PHE C 93 47.12 -4.94 -4.89
CA PHE C 93 45.87 -4.21 -5.10
C PHE C 93 44.68 -4.94 -4.48
N PRO C 94 44.50 -6.23 -4.82
CA PRO C 94 43.38 -6.98 -4.26
C PRO C 94 43.42 -6.97 -2.75
N LEU C 95 44.59 -7.25 -2.20
CA LEU C 95 44.73 -7.24 -0.74
C LEU C 95 44.36 -5.89 -0.17
N SER C 96 44.84 -4.83 -0.82
CA SER C 96 44.59 -3.46 -0.36
C SER C 96 43.09 -3.12 -0.33
N TYR C 97 42.45 -3.26 -1.50
CA TYR C 97 41.03 -3.02 -1.66
C TYR C 97 40.24 -3.73 -0.56
N HIS C 98 40.29 -5.06 -0.59
CA HIS C 98 39.56 -5.92 0.36
C HIS C 98 39.73 -5.49 1.81
N THR C 99 40.92 -5.03 2.19
CA THR C 99 41.12 -4.60 3.59
C THR C 99 40.37 -3.34 3.94
N TRP C 100 40.58 -2.26 3.19
CA TRP C 100 39.89 -0.96 3.46
C TRP C 100 38.39 -1.19 3.44
N ASN C 101 37.91 -1.70 2.31
CA ASN C 101 36.49 -2.01 2.16
C ASN C 101 36.12 -2.99 3.28
N GLY C 102 37.08 -3.84 3.66
CA GLY C 102 36.82 -4.79 4.73
C GLY C 102 36.54 -4.05 6.04
N ILE C 103 37.22 -2.91 6.22
CA ILE C 103 37.04 -2.11 7.41
C ILE C 103 35.67 -1.46 7.32
N ARG C 104 35.36 -0.96 6.14
CA ARG C 104 34.06 -0.34 5.88
C ARG C 104 32.93 -1.22 6.43
N HIS C 105 33.01 -2.53 6.15
CA HIS C 105 32.01 -3.51 6.61
C HIS C 105 31.92 -3.65 8.12
N LEU C 106 33.06 -3.65 8.81
CA LEU C 106 33.06 -3.72 10.26
C LEU C 106 32.39 -2.47 10.85
N VAL C 107 32.54 -1.31 10.20
CA VAL C 107 31.88 -0.11 10.71
C VAL C 107 30.38 -0.25 10.54
N TRP C 108 29.96 -0.70 9.35
CA TRP C 108 28.54 -0.90 9.10
C TRP C 108 27.98 -1.80 10.17
N ASP C 109 28.73 -2.83 10.56
CA ASP C 109 28.25 -3.75 11.58
C ASP C 109 28.03 -3.08 12.95
N MET C 110 28.34 -1.79 13.05
CA MET C 110 28.12 -1.05 14.28
C MET C 110 26.93 -0.14 14.03
N GLY C 111 26.31 -0.35 12.87
CA GLY C 111 25.14 0.43 12.49
C GLY C 111 25.39 1.87 12.17
N LYS C 112 26.62 2.21 11.82
CA LYS C 112 26.97 3.59 11.50
C LYS C 112 27.28 3.74 10.02
N GLY C 113 26.86 4.88 9.46
CA GLY C 113 27.10 5.14 8.06
C GLY C 113 26.12 4.47 7.13
N PHE C 114 24.84 4.38 7.52
CA PHE C 114 23.89 3.72 6.64
C PHE C 114 23.11 4.61 5.70
N LYS C 115 23.15 5.92 5.92
CA LYS C 115 22.44 6.84 5.03
C LYS C 115 23.03 6.63 3.63
N LEU C 116 22.17 6.48 2.61
CA LEU C 116 22.70 6.25 1.27
C LEU C 116 23.84 7.17 0.78
N SER C 117 23.78 8.45 1.13
CA SER C 117 24.83 9.40 0.72
C SER C 117 26.12 9.12 1.49
N GLN C 118 26.02 8.36 2.57
CA GLN C 118 27.23 7.99 3.32
C GLN C 118 27.88 6.76 2.69
N VAL C 119 27.05 5.89 2.15
CA VAL C 119 27.52 4.68 1.51
C VAL C 119 28.41 5.06 0.32
N GLU C 120 28.02 6.11 -0.39
CA GLU C 120 28.79 6.59 -1.52
C GLU C 120 30.12 7.18 -1.06
N GLN C 121 30.05 8.12 -0.12
CA GLN C 121 31.25 8.75 0.41
C GLN C 121 32.28 7.71 0.86
N SER C 122 31.87 6.77 1.71
CA SER C 122 32.81 5.75 2.18
C SER C 122 33.32 4.94 0.98
N GLY C 123 32.43 4.58 0.07
CA GLY C 123 32.86 3.85 -1.09
C GLY C 123 34.03 4.55 -1.77
N VAL C 124 33.92 5.86 -1.98
CA VAL C 124 34.99 6.64 -2.63
C VAL C 124 36.24 6.82 -1.76
N VAL C 125 36.09 6.98 -0.45
CA VAL C 125 37.28 7.10 0.37
C VAL C 125 38.00 5.77 0.23
N VAL C 126 37.25 4.67 0.27
CA VAL C 126 37.87 3.36 0.12
C VAL C 126 38.65 3.28 -1.19
N LEU C 127 38.11 3.86 -2.26
CA LEU C 127 38.80 3.79 -3.53
C LEU C 127 40.08 4.64 -3.65
N ILE C 128 40.25 5.65 -2.80
CA ILE C 128 41.45 6.46 -2.93
C ILE C 128 42.50 5.92 -1.98
N LEU C 129 42.04 5.35 -0.87
CA LEU C 129 42.97 4.75 0.09
C LEU C 129 43.61 3.52 -0.54
N THR C 130 42.85 2.77 -1.32
CA THR C 130 43.35 1.57 -1.98
C THR C 130 44.50 1.98 -2.91
N LEU C 131 44.18 2.86 -3.85
CA LEU C 131 45.15 3.34 -4.81
C LEU C 131 46.40 3.91 -4.12
N LEU C 132 46.22 4.82 -3.17
CA LEU C 132 47.35 5.41 -2.48
C LEU C 132 48.17 4.40 -1.67
N SER C 133 47.50 3.52 -0.95
CA SER C 133 48.24 2.55 -0.16
C SER C 133 48.86 1.46 -1.02
N SER C 134 48.47 1.36 -2.28
CA SER C 134 49.06 0.35 -3.16
C SER C 134 50.35 0.90 -3.82
N ALA C 135 50.19 2.00 -4.55
CA ALA C 135 51.33 2.63 -5.23
C ALA C 135 52.52 2.70 -4.28
N ALA C 136 52.26 3.16 -3.05
CA ALA C 136 53.30 3.28 -2.04
C ALA C 136 53.99 1.93 -1.78
N ILE C 137 53.23 0.92 -1.37
CA ILE C 137 53.84 -0.38 -1.11
C ILE C 137 54.59 -0.94 -2.33
N ALA C 138 53.94 -0.98 -3.47
CA ALA C 138 54.56 -1.50 -4.69
C ALA C 138 55.83 -0.75 -5.05
N SER C 139 56.08 0.34 -4.34
CA SER C 139 57.26 1.13 -4.62
C SER C 139 58.32 0.98 -3.53
N GLU C 140 57.99 0.29 -2.45
CA GLU C 140 58.96 0.10 -1.39
C GLU C 140 59.61 -1.28 -1.44
N SER D 2 24.20 -24.82 21.06
CA SER D 2 23.26 -23.79 21.61
C SER D 2 22.28 -23.31 20.55
N SER D 3 21.13 -22.80 21.01
CA SER D 3 20.10 -22.31 20.11
C SER D 3 20.57 -21.06 19.35
N LYS D 4 21.35 -20.22 20.02
CA LYS D 4 21.86 -18.98 19.42
C LYS D 4 23.10 -19.18 18.55
N ALA D 5 23.23 -20.34 17.94
CA ALA D 5 24.38 -20.64 17.08
C ALA D 5 24.62 -19.59 16.01
N ALA D 6 23.62 -19.38 15.16
CA ALA D 6 23.70 -18.44 14.07
C ALA D 6 24.24 -17.06 14.44
N SER D 7 23.73 -16.47 15.52
CA SER D 7 24.20 -15.16 15.91
C SER D 7 25.60 -15.21 16.53
N LEU D 8 25.99 -16.39 17.02
CA LEU D 8 27.32 -16.54 17.61
C LEU D 8 28.34 -16.63 16.48
N HIS D 9 27.99 -17.36 15.43
CA HIS D 9 28.89 -17.47 14.30
C HIS D 9 29.20 -16.08 13.75
N TRP D 10 28.15 -15.29 13.56
CA TRP D 10 28.26 -13.92 13.06
C TRP D 10 29.24 -13.10 13.88
N THR D 11 29.03 -13.07 15.19
CA THR D 11 29.93 -12.30 16.04
C THR D 11 31.39 -12.77 15.92
N SER D 12 31.61 -14.07 15.97
CA SER D 12 32.96 -14.63 15.86
C SER D 12 33.61 -14.23 14.54
N GLU D 13 32.85 -14.30 13.45
CA GLU D 13 33.37 -13.92 12.16
C GLU D 13 34.01 -12.53 12.20
N ARG D 14 33.23 -11.53 12.62
CA ARG D 14 33.75 -10.18 12.65
C ARG D 14 34.96 -10.04 13.56
N ALA D 15 34.91 -10.72 14.70
CA ALA D 15 36.02 -10.69 15.64
C ALA D 15 37.27 -11.18 14.91
N VAL D 16 37.16 -12.32 14.24
CA VAL D 16 38.30 -12.88 13.51
C VAL D 16 38.75 -11.86 12.45
N SER D 17 37.79 -11.20 11.83
CA SER D 17 38.11 -10.21 10.81
C SER D 17 38.99 -9.18 11.47
N ALA D 18 38.52 -8.63 12.58
CA ALA D 18 39.26 -7.62 13.32
C ALA D 18 40.64 -8.17 13.71
N LEU D 19 40.68 -9.43 14.10
CA LEU D 19 41.91 -10.09 14.49
C LEU D 19 42.93 -10.04 13.36
N LEU D 20 42.49 -10.46 12.18
CA LEU D 20 43.37 -10.50 11.02
C LEU D 20 43.87 -9.13 10.60
N LEU D 21 43.07 -8.10 10.85
CA LEU D 21 43.42 -6.73 10.52
C LEU D 21 44.50 -6.23 11.48
N GLY D 22 44.44 -6.69 12.73
CA GLY D 22 45.42 -6.29 13.72
C GLY D 22 46.72 -7.07 13.61
N LEU D 23 46.77 -8.03 12.67
CA LEU D 23 47.99 -8.80 12.50
C LEU D 23 48.85 -8.14 11.46
N LEU D 24 48.20 -7.46 10.52
CA LEU D 24 48.90 -6.75 9.46
C LEU D 24 49.94 -5.79 10.04
N PRO D 25 49.53 -4.93 10.99
CA PRO D 25 50.44 -3.98 11.62
C PRO D 25 51.55 -4.71 12.34
N ALA D 26 51.21 -5.88 12.89
CA ALA D 26 52.14 -6.71 13.64
C ALA D 26 53.22 -7.41 12.80
N ALA D 27 52.84 -7.94 11.65
CA ALA D 27 53.80 -8.66 10.81
C ALA D 27 54.87 -7.77 10.21
N TYR D 28 54.59 -6.47 10.14
CA TYR D 28 55.54 -5.52 9.57
C TYR D 28 56.36 -4.82 10.64
N LEU D 29 55.92 -4.89 11.89
CA LEU D 29 56.63 -4.25 12.97
C LEU D 29 57.25 -5.23 13.96
N TYR D 30 56.86 -6.51 13.86
CA TYR D 30 57.40 -7.55 14.73
C TYR D 30 57.40 -8.91 14.02
N PRO D 31 57.94 -8.98 12.80
CA PRO D 31 57.96 -10.25 12.06
C PRO D 31 58.70 -11.33 12.81
N GLY D 32 58.03 -12.46 12.99
CA GLY D 32 58.63 -13.57 13.69
C GLY D 32 57.66 -14.72 13.88
N PRO D 33 58.15 -15.84 14.42
CA PRO D 33 57.34 -17.03 14.66
C PRO D 33 55.92 -16.72 15.14
N ALA D 34 55.83 -16.04 16.28
CA ALA D 34 54.55 -15.69 16.87
C ALA D 34 53.54 -15.13 15.84
N VAL D 35 53.91 -14.09 15.11
CA VAL D 35 53.00 -13.53 14.11
C VAL D 35 52.82 -14.52 12.95
N ASP D 36 53.91 -15.09 12.47
CA ASP D 36 53.83 -16.05 11.36
C ASP D 36 52.74 -17.09 11.57
N TYR D 37 52.76 -17.78 12.71
CA TYR D 37 51.74 -18.80 12.94
C TYR D 37 50.36 -18.19 13.14
N SER D 38 50.30 -17.04 13.80
CA SER D 38 49.02 -16.38 14.06
C SER D 38 48.30 -16.10 12.75
N LEU D 39 49.06 -15.78 11.71
CA LEU D 39 48.50 -15.49 10.40
C LEU D 39 48.00 -16.76 9.73
N ALA D 40 48.77 -17.84 9.84
CA ALA D 40 48.35 -19.08 9.24
C ALA D 40 46.97 -19.46 9.80
N ALA D 41 46.81 -19.33 11.11
CA ALA D 41 45.54 -19.68 11.75
C ALA D 41 44.41 -18.74 11.36
N ALA D 42 44.64 -17.43 11.51
CA ALA D 42 43.63 -16.44 11.19
C ALA D 42 43.29 -16.41 9.70
N LEU D 43 44.26 -16.69 8.86
CA LEU D 43 44.03 -16.69 7.43
C LEU D 43 43.19 -17.87 7.01
N THR D 44 43.42 -19.02 7.64
CA THR D 44 42.66 -20.20 7.27
C THR D 44 41.20 -20.09 7.72
N LEU D 45 40.98 -19.67 8.96
CA LEU D 45 39.64 -19.53 9.49
C LEU D 45 38.77 -18.50 8.73
N HIS D 46 39.27 -17.28 8.58
CA HIS D 46 38.55 -16.22 7.86
C HIS D 46 38.23 -16.69 6.45
N GLY D 47 39.19 -17.32 5.80
CA GLY D 47 38.97 -17.79 4.44
C GLY D 47 37.94 -18.88 4.41
N HIS D 48 37.98 -19.72 5.44
CA HIS D 48 37.06 -20.83 5.54
C HIS D 48 35.60 -20.38 5.72
N TRP D 49 35.39 -19.49 6.68
CA TRP D 49 34.03 -18.99 6.91
C TRP D 49 33.59 -18.14 5.74
N GLY D 50 34.55 -17.47 5.11
CA GLY D 50 34.27 -16.61 3.97
C GLY D 50 33.80 -17.35 2.73
N LEU D 51 34.51 -18.40 2.34
CA LEU D 51 34.09 -19.15 1.16
C LEU D 51 32.77 -19.90 1.43
N GLY D 52 32.49 -20.21 2.69
CA GLY D 52 31.24 -20.90 3.02
C GLY D 52 30.00 -20.06 2.78
N GLN D 53 30.07 -18.77 3.14
CA GLN D 53 28.96 -17.83 2.92
C GLN D 53 28.65 -17.78 1.41
N VAL D 54 29.69 -17.92 0.60
CA VAL D 54 29.55 -17.90 -0.83
C VAL D 54 28.89 -19.17 -1.32
N ILE D 55 29.29 -20.30 -0.72
CA ILE D 55 28.73 -21.60 -1.07
C ILE D 55 27.26 -21.57 -0.68
N THR D 56 26.98 -20.95 0.45
CA THR D 56 25.60 -20.85 0.95
C THR D 56 24.68 -20.03 0.04
N ASP D 57 25.20 -18.95 -0.52
CA ASP D 57 24.37 -18.15 -1.39
C ASP D 57 24.14 -18.79 -2.75
N TYR D 58 25.21 -19.31 -3.35
CA TYR D 58 25.12 -19.88 -4.69
C TYR D 58 24.89 -21.39 -4.88
N VAL D 59 25.14 -22.20 -3.87
CA VAL D 59 24.92 -23.62 -4.05
C VAL D 59 23.56 -24.04 -3.49
N HIS D 60 22.83 -24.82 -4.28
CA HIS D 60 21.53 -25.29 -3.85
C HIS D 60 21.34 -26.77 -4.15
N GLY D 61 20.54 -27.43 -3.33
CA GLY D 61 20.30 -28.85 -3.49
C GLY D 61 21.15 -29.55 -2.46
N ASP D 62 20.53 -30.35 -1.60
CA ASP D 62 21.24 -31.07 -0.55
C ASP D 62 22.59 -31.66 -0.92
N THR D 63 22.63 -32.42 -2.01
CA THR D 63 23.89 -33.01 -2.44
C THR D 63 24.95 -31.96 -2.72
N PRO D 64 24.73 -31.13 -3.76
CA PRO D 64 25.72 -30.11 -4.09
C PRO D 64 26.24 -29.40 -2.84
N ILE D 65 25.31 -28.94 -2.00
CA ILE D 65 25.63 -28.26 -0.77
C ILE D 65 26.64 -29.10 0.03
N LYS D 66 26.22 -30.31 0.38
CA LYS D 66 27.06 -31.24 1.14
C LYS D 66 28.42 -31.43 0.48
N VAL D 67 28.43 -31.55 -0.84
CA VAL D 67 29.67 -31.72 -1.58
C VAL D 67 30.58 -30.51 -1.46
N ALA D 68 30.02 -29.35 -1.75
CA ALA D 68 30.76 -28.10 -1.71
C ALA D 68 31.43 -27.89 -0.35
N ASN D 69 30.66 -28.12 0.71
CA ASN D 69 31.18 -27.94 2.06
C ASN D 69 32.31 -28.89 2.40
N THR D 70 32.16 -30.15 1.99
CA THR D 70 33.18 -31.14 2.25
C THR D 70 34.44 -30.78 1.50
N GLY D 71 34.30 -30.56 0.20
CA GLY D 71 35.45 -30.18 -0.60
C GLY D 71 36.15 -28.95 -0.03
N LEU D 72 35.40 -28.05 0.58
CA LEU D 72 35.97 -26.85 1.17
C LEU D 72 36.65 -27.17 2.49
N TYR D 73 36.13 -28.12 3.23
CA TYR D 73 36.72 -28.47 4.50
C TYR D 73 38.13 -28.99 4.28
N VAL D 74 38.33 -29.71 3.19
CA VAL D 74 39.66 -30.25 2.88
C VAL D 74 40.60 -29.12 2.44
N LEU D 75 40.13 -28.31 1.51
CA LEU D 75 40.90 -27.18 1.03
C LEU D 75 41.49 -26.39 2.21
N SER D 76 40.66 -26.09 3.20
CA SER D 76 41.09 -25.36 4.38
C SER D 76 42.19 -26.07 5.18
N ALA D 77 41.86 -27.26 5.70
CA ALA D 77 42.78 -28.06 6.49
C ALA D 77 44.13 -28.25 5.81
N ILE D 78 44.12 -28.42 4.50
CA ILE D 78 45.37 -28.59 3.78
C ILE D 78 46.10 -27.26 3.71
N THR D 79 45.35 -26.18 3.67
CA THR D 79 45.96 -24.87 3.61
C THR D 79 46.62 -24.51 4.93
N PHE D 80 45.94 -24.78 6.04
CA PHE D 80 46.51 -24.43 7.32
C PHE D 80 47.77 -25.25 7.50
N THR D 81 47.73 -26.46 6.98
CA THR D 81 48.83 -27.40 7.06
C THR D 81 50.03 -26.91 6.29
N GLY D 82 49.80 -26.56 5.03
CA GLY D 82 50.89 -26.08 4.21
C GLY D 82 51.57 -24.86 4.82
N LEU D 83 50.79 -23.88 5.29
CA LEU D 83 51.36 -22.68 5.87
C LEU D 83 52.24 -23.01 7.07
N CYS D 84 51.73 -23.87 7.94
CA CYS D 84 52.52 -24.25 9.09
C CYS D 84 53.78 -24.95 8.61
N TYR D 85 53.67 -25.76 7.57
CA TYR D 85 54.85 -26.43 7.07
C TYR D 85 55.86 -25.36 6.68
N PHE D 86 55.39 -24.39 5.89
CA PHE D 86 56.24 -23.31 5.43
C PHE D 86 56.83 -22.56 6.61
N ASN D 87 56.06 -22.41 7.67
CA ASN D 87 56.56 -21.69 8.83
C ASN D 87 57.65 -22.45 9.59
N TYR D 88 57.66 -23.77 9.48
CA TYR D 88 58.62 -24.57 10.22
C TYR D 88 59.82 -25.00 9.43
N TYR D 89 59.60 -25.39 8.17
CA TYR D 89 60.67 -25.90 7.33
C TYR D 89 61.31 -24.88 6.41
N ASP D 90 60.69 -23.72 6.28
CA ASP D 90 61.22 -22.67 5.42
C ASP D 90 61.34 -21.42 6.27
N VAL D 91 61.49 -20.27 5.61
CA VAL D 91 61.64 -19.01 6.32
C VAL D 91 60.40 -18.54 7.11
N GLY D 92 59.21 -18.72 6.55
CA GLY D 92 58.01 -18.30 7.24
C GLY D 92 57.36 -17.17 6.48
N ILE D 93 56.06 -16.98 6.66
CA ILE D 93 55.32 -15.96 5.94
C ILE D 93 55.96 -14.58 5.92
N CYS D 94 56.14 -13.97 7.09
CA CYS D 94 56.73 -12.64 7.15
C CYS D 94 58.02 -12.49 6.36
N LYS D 95 58.96 -13.41 6.59
CA LYS D 95 60.23 -13.35 5.91
C LYS D 95 60.11 -13.49 4.38
N ALA D 96 59.20 -14.33 3.91
CA ALA D 96 59.01 -14.52 2.48
C ALA D 96 58.57 -13.24 1.79
N VAL D 97 57.76 -12.44 2.48
CA VAL D 97 57.28 -11.20 1.90
C VAL D 97 58.45 -10.23 1.75
N ALA D 98 59.22 -10.07 2.82
CA ALA D 98 60.37 -9.17 2.78
C ALA D 98 61.30 -9.57 1.63
N MET D 99 61.39 -10.88 1.39
CA MET D 99 62.24 -11.41 0.34
C MET D 99 61.64 -11.18 -1.03
N LEU D 100 60.33 -11.44 -1.15
CA LEU D 100 59.68 -11.25 -2.44
C LEU D 100 59.80 -9.78 -2.79
N TRP D 101 59.48 -8.94 -1.81
CA TRP D 101 59.51 -7.50 -1.99
C TRP D 101 60.91 -6.93 -2.16
N SER D 102 61.93 -7.75 -1.96
CA SER D 102 63.31 -7.28 -2.11
C SER D 102 63.74 -7.45 -3.56
N ILE D 103 63.03 -8.30 -4.29
CA ILE D 103 63.35 -8.51 -5.70
C ILE D 103 63.35 -7.17 -6.43
K K E . -22.03 5.85 1.52
PA FAD F . -12.35 0.51 0.20
O1A FAD F . -12.89 1.41 -0.66
O2A FAD F . -11.26 0.82 0.84
O5B FAD F . -12.10 -0.85 -0.48
C5B FAD F . -13.05 -1.60 -1.29
C4B FAD F . -12.88 -3.13 -1.11
O4B FAD F . -13.85 -3.83 -1.91
C3B FAD F . -11.53 -3.63 -1.54
O3B FAD F . -10.94 -4.50 -0.54
C2B FAD F . -11.78 -4.29 -2.95
O2B FAD F . -10.81 -5.33 -3.24
C1B FAD F . -13.19 -4.76 -2.80
N9A FAD F . -13.95 -4.85 -4.12
C8A FAD F . -14.39 -3.84 -4.88
N7A FAD F . -15.02 -4.27 -5.98
C5A FAD F . -14.99 -5.60 -5.91
C6A FAD F . -15.46 -6.65 -6.74
N6A FAD F . -16.09 -6.35 -7.86
N1A FAD F . -15.26 -8.01 -6.38
C2A FAD F . -14.60 -8.34 -5.21
N3A FAD F . -14.12 -7.35 -4.39
C4A FAD F . -14.31 -6.00 -4.71
N1 FAD F . -12.40 9.10 5.70
C2 FAD F . -12.21 9.44 7.00
O2 FAD F . -13.08 9.15 7.82
N3 FAD F . -10.97 10.10 7.39
C4 FAD F . -9.98 10.38 6.40
O4 FAD F . -8.94 10.93 6.74
C4X FAD F . -10.22 10.00 4.99
N5 FAD F . -9.30 10.24 3.95
C5X FAD F . -9.50 9.87 2.63
C6 FAD F . -8.47 10.15 1.63
C7 FAD F . -8.67 9.73 0.23
C7M FAD F . -7.56 10.05 -0.75
C8 FAD F . -9.89 9.03 -0.14
C8M FAD F . -10.18 8.54 -1.58
C9 FAD F . -10.90 8.77 0.86
C9A FAD F . -10.72 9.19 2.23
N10 FAD F . -11.69 8.94 3.29
C10 FAD F . -11.46 9.35 4.70
C1' FAD F . -13.00 8.24 2.93
C2' FAD F . -12.86 6.80 3.34
O2' FAD F . -11.49 6.49 3.29
C3' FAD F . -13.55 5.79 2.46
O3' FAD F . -14.92 6.15 2.51
C4' FAD F . -13.31 4.37 3.09
O4' FAD F . -11.92 4.03 2.83
C5' FAD F . -14.16 3.23 2.53
O5' FAD F . -13.48 2.02 2.61
P FAD F . -14.13 0.64 2.52
O1P FAD F . -13.78 -0.25 3.64
O2P FAD F . -15.62 0.89 2.34
O3P FAD F . -13.34 0.12 1.18
C1 MLI G . -10.38 13.64 4.07
C2 MLI G . -9.49 14.61 4.83
C3 MLI G . -11.67 13.09 4.54
O6 MLI G . -9.68 15.84 4.93
O7 MLI G . -8.48 14.08 5.38
O8 MLI G . -12.43 12.61 3.63
O9 MLI G . -11.76 13.17 5.76
O1 UNL H . 6.80 30.88 9.50
O1 UNL I . -36.44 14.33 -16.80
O1 UNL J . -5.85 -20.26 13.48
O1 UNL K . -38.48 8.03 13.24
O1 UNL L . -24.04 -14.53 20.35
O1 UNL M . 11.28 20.10 10.95
O1 UNL N . -15.22 21.50 27.75
O1 UNL O . -17.52 19.69 29.76
O1 UNL P . -23.08 29.88 13.36
O1 UNL Q . -22.45 12.27 -24.19
O1 UNL R . -16.43 36.14 -13.54
O1 UNL S . -39.43 12.72 23.04
O1 UNL T . 7.24 29.50 13.10
O1 UNL U . -28.47 15.58 21.43
O1 UNL V . -34.76 -6.14 -11.71
K K W . 9.53 -4.24 22.49
FE1 FES X . 1.06 3.39 -7.69
FE2 FES X . -0.75 2.98 -5.86
S1 FES X . -1.05 2.91 -8.05
S2 FES X . 1.44 2.85 -5.59
FE1 SF4 Y . 8.37 -0.63 -0.66
FE2 SF4 Y . 10.48 0.37 0.97
FE3 SF4 Y . 8.55 -0.97 1.94
FE4 SF4 Y . 10.56 -2.14 0.78
S1 SF4 Y . 10.66 -0.98 2.72
S2 SF4 Y . 8.41 -2.62 0.37
S3 SF4 Y . 10.59 -0.73 -0.97
S4 SF4 Y . 8.33 1.00 0.90
FE1 F3S Z . 21.09 -6.78 2.53
FE3 F3S Z . 19.66 -4.74 1.07
FE4 F3S Z . 20.07 -7.02 0.14
S1 F3S Z . 21.41 -4.54 2.43
S2 F3S Z . 21.95 -8.02 0.94
S3 F3S Z . 18.95 -6.73 2.01
S4 F3S Z . 20.22 -5.07 -1.02
C1 UNL AA . 11.93 10.33 -32.89
C2 UNL AA . 12.15 9.39 -31.66
C3 UNL AA . 13.66 9.08 -31.39
O2 UNL AA . 11.49 9.95 -30.46
O3 UNL AA . 13.87 7.98 -30.45
O1 UNL AA . 10.58 10.27 -33.45
O1 UNL BA . 25.43 -12.07 -4.87
O1 UNL CA . 25.85 -9.32 -5.30
O1 UNL DA . -5.28 -15.25 -26.51
O1 UNL EA . 15.35 -8.41 24.21
O1 UNL FA . 18.50 -17.90 -11.00
O1 UNL GA . 17.91 -24.58 5.78
O1 UNL HA . 8.14 16.75 22.58
O1 UNL IA . 21.93 -21.23 12.49
O1 UNL JA . -15.98 -6.92 31.30
C1 BHG KA . 27.30 4.35 -11.51
O1 BHG KA . 27.90 3.03 -11.86
C2 BHG KA . 25.81 4.39 -11.97
O2 BHG KA . 25.69 4.16 -13.38
C3 BHG KA . 25.16 5.78 -11.59
O3 BHG KA . 23.78 5.89 -11.97
C4 BHG KA . 25.26 6.02 -10.03
O4 BHG KA . 24.67 7.28 -9.64
C5 BHG KA . 26.78 5.92 -9.64
O5 BHG KA . 27.34 4.61 -10.05
C6 BHG KA . 27.04 6.13 -8.11
O6 BHG KA . 26.15 5.35 -7.32
C1' BHG KA . 29.31 2.84 -11.51
C2' BHG KA . 29.93 1.42 -11.89
C3' BHG KA . 29.04 0.52 -12.81
C4' BHG KA . 29.88 -0.27 -13.86
C5' BHG KA . 30.24 -1.73 -13.48
C6' BHG KA . 29.35 -2.80 -14.14
CHA HEM LA . 35.11 -11.45 3.46
CHB HEM LA . 39.24 -13.59 2.18
CHC HEM LA . 41.53 -10.25 4.76
CHD HEM LA . 37.40 -8.22 6.08
C1A HEM LA . 36.03 -12.33 2.90
C2A HEM LA . 35.65 -13.43 2.11
C3A HEM LA . 36.81 -14.01 1.68
C4A HEM LA . 37.89 -13.31 2.33
CMA HEM LA . 36.90 -15.21 0.72
CAA HEM LA . 34.21 -13.82 1.82
CBA HEM LA . 33.63 -13.09 0.60
CGA HEM LA . 32.15 -12.82 0.74
O1A HEM LA . 31.56 -12.20 -0.18
O2A HEM LA . 31.56 -13.22 1.77
C1B HEM LA . 40.27 -12.88 2.77
C2B HEM LA . 41.68 -13.23 2.73
C3B HEM LA . 42.32 -12.12 3.22
C4B HEM LA . 41.30 -11.34 3.92
CMB HEM LA . 42.38 -14.52 2.24
CAB HEM LA . 43.63 -11.75 2.89
C1C HEM LA . 40.62 -9.35 5.31
C2C HEM LA . 40.96 -8.24 6.22
C3C HEM LA . 39.78 -7.75 6.65
C4C HEM LA . 38.75 -8.46 5.90
CMC HEM LA . 42.34 -7.67 6.68
CAC HEM LA . 39.64 -6.72 7.58
C1D HEM LA . 36.38 -8.96 5.56
C2D HEM LA . 34.95 -8.81 5.88
C3D HEM LA . 34.29 -9.74 5.12
C4D HEM LA . 35.34 -10.44 4.36
CMD HEM LA . 34.28 -7.96 6.93
CAD HEM LA . 32.78 -10.04 5.13
CBD HEM LA . 31.94 -9.09 4.29
CGD HEM LA . 30.48 -9.49 4.22
O1D HEM LA . 29.86 -9.66 5.30
O2D HEM LA . 29.93 -9.63 3.09
NA HEM LA . 37.39 -12.29 3.11
NB HEM LA . 40.04 -11.73 3.54
NC HEM LA . 39.28 -9.43 5.07
ND HEM LA . 36.62 -10.06 4.75
FE HEM LA . 38.34 -10.87 4.15
C22 PEE MA . 46.86 -2.94 2.45
C21 PEE MA . 47.09 -2.55 3.71
C20 PEE MA . 46.20 -1.68 4.59
C19 PEE MA . 46.76 -1.43 5.98
C18 PEE MA . 46.10 -0.99 7.09
C17 PEE MA . 45.67 -1.82 8.29
C16 PEE MA . 45.36 -0.92 9.53
C15 PEE MA . 45.91 -1.44 10.89
C14 PEE MA . 45.10 -1.01 12.12
C13 PEE MA . 44.53 -2.18 12.95
C12 PEE MA . 44.60 -1.98 14.49
O1 UNL NA . 25.59 -7.95 -7.75
O2 UNL NA . 26.35 -7.23 -6.70
O1 UNL OA . 27.58 -9.65 -3.12
O1 UNL PA . 29.37 -9.64 -0.52
O1 UNL QA . 50.80 -16.64 -5.43
O1 UNL RA . 57.02 -21.76 -1.92
O2 UNL RA . 56.26 -20.77 -2.74
O1 UNL SA . -0.85 -14.54 2.99
O1 UNL TA . 33.03 8.79 5.43
O1 UNL UA . 21.00 -1.89 -18.19
O1 UNL VA . 51.11 -25.75 -6.20
C22 PEE WA . 60.90 -3.61 4.31
C21 PEE WA . 60.20 -4.41 3.49
C20 PEE WA . 58.80 -4.98 3.73
C19 PEE WA . 58.03 -5.30 2.44
C18 PEE WA . 56.77 -4.92 2.09
C17 PEE WA . 55.45 -5.61 2.43
C16 PEE WA . 54.57 -5.93 1.18
C15 PEE WA . 53.20 -6.58 1.51
C14 PEE WA . 52.44 -7.16 0.28
C13 PEE WA . 51.78 -8.55 0.50
C12 PEE WA . 51.82 -9.48 -0.73
C11 PEE WA . 50.45 -10.13 -1.05
C30 PEE WA . 48.23 -12.45 1.15
C31 PEE WA . 48.23 -12.24 2.70
C32 PEE WA . 49.64 -12.25 3.36
C33 PEE WA . 49.59 -11.86 4.84
C34 PEE WA . 50.27 -10.50 5.12
C35 PEE WA . 51.73 -10.64 5.59
C36 PEE WA . 52.59 -9.41 5.19
C37 PEE WA . 53.62 -9.03 6.29
C38 PEE WA . 54.89 -8.36 5.69
C39 PEE WA . 55.81 -7.69 6.73
C40 PEE WA . 57.29 -7.58 6.30
C41 PEE WA . 58.26 -8.02 7.41
O1 UNL XA . 51.51 -4.18 5.50
O1 UNL YA . 51.88 -0.58 9.32
O1 UNL ZA . 44.78 -16.39 16.85
O1 UNL AB . 30.66 -20.09 15.25
O1 UNL BB . 42.64 -22.60 11.66
O1 UNL CB . 60.36 -9.11 15.82
#